data_8JVW
# 
_entry.id   8JVW 
# 
_audit_conform.dict_name       mmcif_pdbx.dic 
_audit_conform.dict_version    5.395 
_audit_conform.dict_location   http://mmcif.pdb.org/dictionaries/ascii/mmcif_pdbx.dic 
# 
loop_
_database_2.database_id 
_database_2.database_code 
_database_2.pdbx_database_accession 
_database_2.pdbx_DOI 
PDB   8JVW         pdb_00008jvw 10.2210/pdb8jvw/pdb 
WWPDB D_1300038845 ?            ?                   
# 
loop_
_pdbx_audit_revision_history.ordinal 
_pdbx_audit_revision_history.data_content_type 
_pdbx_audit_revision_history.major_revision 
_pdbx_audit_revision_history.minor_revision 
_pdbx_audit_revision_history.revision_date 
1 'Structure model' 1 0 2024-07-03 
2 'Structure model' 1 1 2024-08-07 
# 
_pdbx_audit_revision_details.ordinal             1 
_pdbx_audit_revision_details.revision_ordinal    1 
_pdbx_audit_revision_details.data_content_type   'Structure model' 
_pdbx_audit_revision_details.provider            repository 
_pdbx_audit_revision_details.type                'Initial release' 
_pdbx_audit_revision_details.description         ? 
_pdbx_audit_revision_details.details             ? 
# 
_pdbx_audit_revision_group.ordinal             1 
_pdbx_audit_revision_group.revision_ordinal    2 
_pdbx_audit_revision_group.data_content_type   'Structure model' 
_pdbx_audit_revision_group.group               'Database references' 
# 
loop_
_pdbx_audit_revision_category.ordinal 
_pdbx_audit_revision_category.revision_ordinal 
_pdbx_audit_revision_category.data_content_type 
_pdbx_audit_revision_category.category 
1 2 'Structure model' citation        
2 2 'Structure model' citation_author 
# 
loop_
_pdbx_audit_revision_item.ordinal 
_pdbx_audit_revision_item.revision_ordinal 
_pdbx_audit_revision_item.data_content_type 
_pdbx_audit_revision_item.item 
1  2 'Structure model' '_citation.country'                 
2  2 'Structure model' '_citation.journal_abbrev'          
3  2 'Structure model' '_citation.journal_id_CSD'          
4  2 'Structure model' '_citation.journal_id_ISSN'         
5  2 'Structure model' '_citation.journal_volume'          
6  2 'Structure model' '_citation.page_first'              
7  2 'Structure model' '_citation.page_last'               
8  2 'Structure model' '_citation.pdbx_database_id_DOI'    
9  2 'Structure model' '_citation.pdbx_database_id_PubMed' 
10 2 'Structure model' '_citation.title'                   
11 2 'Structure model' '_citation.year'                    
12 2 'Structure model' '_citation_author.identifier_ORCID' 
# 
_pdbx_database_status.status_code                     REL 
_pdbx_database_status.status_code_sf                  REL 
_pdbx_database_status.status_code_mr                  ? 
_pdbx_database_status.entry_id                        8JVW 
_pdbx_database_status.recvd_initial_deposition_date   2023-06-28 
_pdbx_database_status.SG_entry                        N 
_pdbx_database_status.deposit_site                    PDBJ 
_pdbx_database_status.process_site                    PDBJ 
_pdbx_database_status.status_code_cs                  ? 
_pdbx_database_status.status_code_nmr_data            ? 
_pdbx_database_status.methods_development_category    ? 
_pdbx_database_status.pdb_format_compatible           Y 
# 
_pdbx_contact_author.id                 2 
_pdbx_contact_author.email              shunsuke.tagami@riken.jp 
_pdbx_contact_author.name_first         Shunsuke 
_pdbx_contact_author.name_last          Tagami 
_pdbx_contact_author.name_mi            ? 
_pdbx_contact_author.role               'principal investigator/group leader' 
_pdbx_contact_author.identifier_ORCID   0000-0002-1720-3627 
# 
loop_
_audit_author.name 
_audit_author.pdbx_ordinal 
_audit_author.identifier_ORCID 
'Yagi, S.'   1 ? 
'Tagami, S.' 2 ? 
# 
_citation.abstract                  ? 
_citation.abstract_id_CAS           ? 
_citation.book_id_ISBN              ? 
_citation.book_publisher            ? 
_citation.book_publisher_city       ? 
_citation.book_title                ? 
_citation.coordinate_linkage        ? 
_citation.country                   UK 
_citation.database_id_Medline       ? 
_citation.details                   ? 
_citation.id                        primary 
_citation.journal_abbrev            'Nat Commun' 
_citation.journal_id_ASTM           ? 
_citation.journal_id_CSD            ? 
_citation.journal_id_ISSN           2041-1723 
_citation.journal_full              ? 
_citation.journal_issue             ? 
_citation.journal_volume            15 
_citation.language                  ? 
_citation.page_first                5938 
_citation.page_last                 5938 
_citation.title                     
'An ancestral fold reveals the evolutionary link between RNA polymerase and ribosomal proteins.' 
_citation.year                      2024 
_citation.database_id_CSD           ? 
_citation.pdbx_database_id_DOI      10.1038/s41467-024-50013-9 
_citation.pdbx_database_id_PubMed   39025855 
_citation.pdbx_database_id_patent   ? 
_citation.unpublished_flag          ? 
# 
loop_
_citation_author.citation_id 
_citation_author.name 
_citation_author.ordinal 
_citation_author.identifier_ORCID 
primary 'Yagi, S.'   1 0000-0002-7117-3318 
primary 'Tagami, S.' 2 0000-0002-1720-3627 
# 
loop_
_entity.id 
_entity.type 
_entity.src_method 
_entity.pdbx_description 
_entity.formula_weight 
_entity.pdbx_number_of_molecules 
_entity.pdbx_ec 
_entity.pdbx_mutation 
_entity.pdbx_fragment 
_entity.details 
1 polymer     man tkoL2_v1.2_Z 4539.474 1  ? ? ? ? 
2 non-polymer syn GLYCINE      75.067   3  ? ? ? ? 
3 water       nat water        18.015   25 ? ? ? ? 
# 
_entity_poly.entity_id                      1 
_entity_poly.type                           'polypeptide(L)' 
_entity_poly.nstd_linkage                   no 
_entity_poly.nstd_monomer                   no 
_entity_poly.pdbx_seq_one_letter_code       GPMPGKKFVARVEEARAEDVGKRVVIIPKGIKVGDVVEVKKV 
_entity_poly.pdbx_seq_one_letter_code_can   GPMPGKKFVARVEEARAEDVGKRVVIIPKGIKVGDVVEVKKV 
_entity_poly.pdbx_strand_id                 A 
_entity_poly.pdbx_target_identifier         ? 
# 
loop_
_pdbx_entity_nonpoly.entity_id 
_pdbx_entity_nonpoly.name 
_pdbx_entity_nonpoly.comp_id 
2 GLYCINE GLY 
3 water   HOH 
# 
loop_
_entity_poly_seq.entity_id 
_entity_poly_seq.num 
_entity_poly_seq.mon_id 
_entity_poly_seq.hetero 
1 1  GLY n 
1 2  PRO n 
1 3  MET n 
1 4  PRO n 
1 5  GLY n 
1 6  LYS n 
1 7  LYS n 
1 8  PHE n 
1 9  VAL n 
1 10 ALA n 
1 11 ARG n 
1 12 VAL n 
1 13 GLU n 
1 14 GLU n 
1 15 ALA n 
1 16 ARG n 
1 17 ALA n 
1 18 GLU n 
1 19 ASP n 
1 20 VAL n 
1 21 GLY n 
1 22 LYS n 
1 23 ARG n 
1 24 VAL n 
1 25 VAL n 
1 26 ILE n 
1 27 ILE n 
1 28 PRO n 
1 29 LYS n 
1 30 GLY n 
1 31 ILE n 
1 32 LYS n 
1 33 VAL n 
1 34 GLY n 
1 35 ASP n 
1 36 VAL n 
1 37 VAL n 
1 38 GLU n 
1 39 VAL n 
1 40 LYS n 
1 41 LYS n 
1 42 VAL n 
# 
_entity_src_gen.entity_id                          1 
_entity_src_gen.pdbx_src_id                        1 
_entity_src_gen.pdbx_alt_source_flag               sample 
_entity_src_gen.pdbx_seq_type                      'Biological sequence' 
_entity_src_gen.pdbx_beg_seq_num                   1 
_entity_src_gen.pdbx_end_seq_num                   42 
_entity_src_gen.gene_src_common_name               ? 
_entity_src_gen.gene_src_genus                     ? 
_entity_src_gen.pdbx_gene_src_gene                 ? 
_entity_src_gen.gene_src_species                   ? 
_entity_src_gen.gene_src_strain                    ? 
_entity_src_gen.gene_src_tissue                    ? 
_entity_src_gen.gene_src_tissue_fraction           ? 
_entity_src_gen.gene_src_details                   ? 
_entity_src_gen.pdbx_gene_src_fragment             ? 
_entity_src_gen.pdbx_gene_src_scientific_name      'synthetic construct' 
_entity_src_gen.pdbx_gene_src_ncbi_taxonomy_id     32630 
_entity_src_gen.pdbx_gene_src_variant              ? 
_entity_src_gen.pdbx_gene_src_cell_line            ? 
_entity_src_gen.pdbx_gene_src_atcc                 ? 
_entity_src_gen.pdbx_gene_src_organ                ? 
_entity_src_gen.pdbx_gene_src_organelle            ? 
_entity_src_gen.pdbx_gene_src_cell                 ? 
_entity_src_gen.pdbx_gene_src_cellular_location    ? 
_entity_src_gen.host_org_common_name               ? 
_entity_src_gen.pdbx_host_org_scientific_name      'Escherichia coli BL21(DE3)' 
_entity_src_gen.pdbx_host_org_ncbi_taxonomy_id     469008 
_entity_src_gen.host_org_genus                     ? 
_entity_src_gen.pdbx_host_org_gene                 ? 
_entity_src_gen.pdbx_host_org_organ                ? 
_entity_src_gen.host_org_species                   ? 
_entity_src_gen.pdbx_host_org_tissue               ? 
_entity_src_gen.pdbx_host_org_tissue_fraction      ? 
_entity_src_gen.pdbx_host_org_strain               ? 
_entity_src_gen.pdbx_host_org_variant              ? 
_entity_src_gen.pdbx_host_org_cell_line            ? 
_entity_src_gen.pdbx_host_org_atcc                 ? 
_entity_src_gen.pdbx_host_org_culture_collection   ? 
_entity_src_gen.pdbx_host_org_cell                 ? 
_entity_src_gen.pdbx_host_org_organelle            ? 
_entity_src_gen.pdbx_host_org_cellular_location    ? 
_entity_src_gen.pdbx_host_org_vector_type          ? 
_entity_src_gen.pdbx_host_org_vector               ? 
_entity_src_gen.host_org_details                   ? 
_entity_src_gen.expression_system_id               ? 
_entity_src_gen.plasmid_name                       ? 
_entity_src_gen.plasmid_details                    ? 
_entity_src_gen.pdbx_description                   ? 
# 
loop_
_chem_comp.id 
_chem_comp.type 
_chem_comp.mon_nstd_flag 
_chem_comp.name 
_chem_comp.pdbx_synonyms 
_chem_comp.formula 
_chem_comp.formula_weight 
ALA 'L-peptide linking' y ALANINE         ? 'C3 H7 N O2'     89.093  
ARG 'L-peptide linking' y ARGININE        ? 'C6 H15 N4 O2 1' 175.209 
ASP 'L-peptide linking' y 'ASPARTIC ACID' ? 'C4 H7 N O4'     133.103 
GLU 'L-peptide linking' y 'GLUTAMIC ACID' ? 'C5 H9 N O4'     147.129 
GLY 'peptide linking'   y GLYCINE         ? 'C2 H5 N O2'     75.067  
HOH non-polymer         . WATER           ? 'H2 O'           18.015  
ILE 'L-peptide linking' y ISOLEUCINE      ? 'C6 H13 N O2'    131.173 
LYS 'L-peptide linking' y LYSINE          ? 'C6 H15 N2 O2 1' 147.195 
MET 'L-peptide linking' y METHIONINE      ? 'C5 H11 N O2 S'  149.211 
PHE 'L-peptide linking' y PHENYLALANINE   ? 'C9 H11 N O2'    165.189 
PRO 'L-peptide linking' y PROLINE         ? 'C5 H9 N O2'     115.130 
VAL 'L-peptide linking' y VALINE          ? 'C5 H11 N O2'    117.146 
# 
loop_
_pdbx_poly_seq_scheme.asym_id 
_pdbx_poly_seq_scheme.entity_id 
_pdbx_poly_seq_scheme.seq_id 
_pdbx_poly_seq_scheme.mon_id 
_pdbx_poly_seq_scheme.ndb_seq_num 
_pdbx_poly_seq_scheme.pdb_seq_num 
_pdbx_poly_seq_scheme.auth_seq_num 
_pdbx_poly_seq_scheme.pdb_mon_id 
_pdbx_poly_seq_scheme.auth_mon_id 
_pdbx_poly_seq_scheme.pdb_strand_id 
_pdbx_poly_seq_scheme.pdb_ins_code 
_pdbx_poly_seq_scheme.hetero 
A 1 1  GLY 1  1  ?  ?   ?   A . n 
A 1 2  PRO 2  2  ?  ?   ?   A . n 
A 1 3  MET 3  3  ?  ?   ?   A . n 
A 1 4  PRO 4  4  ?  ?   ?   A . n 
A 1 5  GLY 5  5  ?  ?   ?   A . n 
A 1 6  LYS 6  6  6  LYS LYS A . n 
A 1 7  LYS 7  7  7  LYS LYS A . n 
A 1 8  PHE 8  8  8  PHE PHE A . n 
A 1 9  VAL 9  9  9  VAL VAL A . n 
A 1 10 ALA 10 10 10 ALA ALA A . n 
A 1 11 ARG 11 11 11 ARG ARG A . n 
A 1 12 VAL 12 12 12 VAL VAL A . n 
A 1 13 GLU 13 13 13 GLU GLU A . n 
A 1 14 GLU 14 14 14 GLU GLU A . n 
A 1 15 ALA 15 15 15 ALA ALA A . n 
A 1 16 ARG 16 16 16 ARG ARG A . n 
A 1 17 ALA 17 17 17 ALA ALA A . n 
A 1 18 GLU 18 18 18 GLU GLU A . n 
A 1 19 ASP 19 19 19 ASP ASP A . n 
A 1 20 VAL 20 20 20 VAL VAL A . n 
A 1 21 GLY 21 21 21 GLY GLY A . n 
A 1 22 LYS 22 22 22 LYS LYS A . n 
A 1 23 ARG 23 23 23 ARG ARG A . n 
A 1 24 VAL 24 24 24 VAL VAL A . n 
A 1 25 VAL 25 25 25 VAL VAL A . n 
A 1 26 ILE 26 26 26 ILE ILE A . n 
A 1 27 ILE 27 27 27 ILE ILE A . n 
A 1 28 PRO 28 28 28 PRO PRO A . n 
A 1 29 LYS 29 29 29 LYS LYS A . n 
A 1 30 GLY 30 30 30 GLY GLY A . n 
A 1 31 ILE 31 31 31 ILE ILE A . n 
A 1 32 LYS 32 32 32 LYS LYS A . n 
A 1 33 VAL 33 33 33 VAL VAL A . n 
A 1 34 GLY 34 34 34 GLY GLY A . n 
A 1 35 ASP 35 35 35 ASP ASP A . n 
A 1 36 VAL 36 36 36 VAL VAL A . n 
A 1 37 VAL 37 37 37 VAL VAL A . n 
A 1 38 GLU 38 38 38 GLU GLU A . n 
A 1 39 VAL 39 39 39 VAL VAL A . n 
A 1 40 LYS 40 40 40 LYS LYS A . n 
A 1 41 LYS 41 41 41 LYS LYS A . n 
A 1 42 VAL 42 42 42 VAL VAL A . n 
# 
loop_
_pdbx_nonpoly_scheme.asym_id 
_pdbx_nonpoly_scheme.entity_id 
_pdbx_nonpoly_scheme.mon_id 
_pdbx_nonpoly_scheme.ndb_seq_num 
_pdbx_nonpoly_scheme.pdb_seq_num 
_pdbx_nonpoly_scheme.auth_seq_num 
_pdbx_nonpoly_scheme.pdb_mon_id 
_pdbx_nonpoly_scheme.auth_mon_id 
_pdbx_nonpoly_scheme.pdb_strand_id 
_pdbx_nonpoly_scheme.pdb_ins_code 
B 2 GLY 1  101 106 GLY GLY A . 
C 2 GLY 1  102 206 GLY GLY A . 
D 2 GLY 1  103 306 GLY GLY A . 
E 3 HOH 1  201 4   HOH HOH A . 
E 3 HOH 2  202 6   HOH HOH A . 
E 3 HOH 3  203 1   HOH HOH A . 
E 3 HOH 4  204 12  HOH HOH A . 
E 3 HOH 5  205 14  HOH HOH A . 
E 3 HOH 6  206 10  HOH HOH A . 
E 3 HOH 7  207 5   HOH HOH A . 
E 3 HOH 8  208 2   HOH HOH A . 
E 3 HOH 9  209 20  HOH HOH A . 
E 3 HOH 10 210 7   HOH HOH A . 
E 3 HOH 11 211 18  HOH HOH A . 
E 3 HOH 12 212 24  HOH HOH A . 
E 3 HOH 13 213 8   HOH HOH A . 
E 3 HOH 14 214 11  HOH HOH A . 
E 3 HOH 15 215 9   HOH HOH A . 
E 3 HOH 16 216 21  HOH HOH A . 
E 3 HOH 17 217 23  HOH HOH A . 
E 3 HOH 18 218 16  HOH HOH A . 
E 3 HOH 19 219 19  HOH HOH A . 
E 3 HOH 20 220 3   HOH HOH A . 
E 3 HOH 21 221 17  HOH HOH A . 
E 3 HOH 22 222 25  HOH HOH A . 
E 3 HOH 23 223 15  HOH HOH A . 
E 3 HOH 24 224 22  HOH HOH A . 
E 3 HOH 25 225 13  HOH HOH A . 
# 
loop_
_software.citation_id 
_software.classification 
_software.compiler_name 
_software.compiler_version 
_software.contact_author 
_software.contact_author_email 
_software.date 
_software.description 
_software.dependencies 
_software.hardware 
_software.language 
_software.location 
_software.mods 
_software.name 
_software.os 
_software.os_version 
_software.type 
_software.version 
_software.pdbx_ordinal 
? refinement       ? ? ? ? ? ? ? ? ? ? ? PHENIX ? ? ? '(1.14_3260: ???)' 1 
? 'data reduction' ? ? ? ? ? ? ? ? ? ? ? XDS    ? ? ? .                  2 
? 'data scaling'   ? ? ? ? ? ? ? ? ? ? ? XDS    ? ? ? .                  3 
? phasing          ? ? ? ? ? ? ? ? ? ? ? PHENIX ? ? ? .                  4 
# 
_cell.angle_alpha                  90.00 
_cell.angle_alpha_esd              ? 
_cell.angle_beta                   90.00 
_cell.angle_beta_esd               ? 
_cell.angle_gamma                  90.00 
_cell.angle_gamma_esd              ? 
_cell.entry_id                     8JVW 
_cell.details                      ? 
_cell.formula_units_Z              ? 
_cell.length_a                     23.959 
_cell.length_a_esd                 ? 
_cell.length_b                     44.427 
_cell.length_b_esd                 ? 
_cell.length_c                     84.289 
_cell.length_c_esd                 ? 
_cell.volume                       ? 
_cell.volume_esd                   ? 
_cell.Z_PDB                        8 
_cell.reciprocal_angle_alpha       ? 
_cell.reciprocal_angle_beta        ? 
_cell.reciprocal_angle_gamma       ? 
_cell.reciprocal_angle_alpha_esd   ? 
_cell.reciprocal_angle_beta_esd    ? 
_cell.reciprocal_angle_gamma_esd   ? 
_cell.reciprocal_length_a          ? 
_cell.reciprocal_length_b          ? 
_cell.reciprocal_length_c          ? 
_cell.reciprocal_length_a_esd      ? 
_cell.reciprocal_length_b_esd      ? 
_cell.reciprocal_length_c_esd      ? 
_cell.pdbx_unique_axis             ? 
_cell.pdbx_esd_method              ? 
# 
_symmetry.entry_id                         8JVW 
_symmetry.cell_setting                     ? 
_symmetry.Int_Tables_number                23 
_symmetry.space_group_name_Hall            ? 
_symmetry.space_group_name_H-M             'I 2 2 2' 
_symmetry.pdbx_full_space_group_name_H-M   ? 
# 
_exptl.absorpt_coefficient_mu     ? 
_exptl.absorpt_correction_T_max   ? 
_exptl.absorpt_correction_T_min   ? 
_exptl.absorpt_correction_type    ? 
_exptl.absorpt_process_details    ? 
_exptl.entry_id                   8JVW 
_exptl.crystals_number            1 
_exptl.details                    ? 
_exptl.method                     'X-RAY DIFFRACTION' 
_exptl.method_details             ? 
# 
_exptl_crystal.colour                       ? 
_exptl_crystal.density_diffrn               ? 
_exptl_crystal.density_Matthews             2.47 
_exptl_crystal.density_method               ? 
_exptl_crystal.density_percent_sol          50.21 
_exptl_crystal.description                  ? 
_exptl_crystal.F_000                        ? 
_exptl_crystal.id                           1 
_exptl_crystal.preparation                  ? 
_exptl_crystal.size_max                     ? 
_exptl_crystal.size_mid                     ? 
_exptl_crystal.size_min                     ? 
_exptl_crystal.size_rad                     ? 
_exptl_crystal.colour_lustre                ? 
_exptl_crystal.colour_modifier              ? 
_exptl_crystal.colour_primary               ? 
_exptl_crystal.density_meas                 ? 
_exptl_crystal.density_meas_esd             ? 
_exptl_crystal.density_meas_gt              ? 
_exptl_crystal.density_meas_lt              ? 
_exptl_crystal.density_meas_temp            ? 
_exptl_crystal.density_meas_temp_esd        ? 
_exptl_crystal.density_meas_temp_gt         ? 
_exptl_crystal.density_meas_temp_lt         ? 
_exptl_crystal.pdbx_crystal_image_url       ? 
_exptl_crystal.pdbx_crystal_image_format    ? 
_exptl_crystal.pdbx_mosaicity               ? 
_exptl_crystal.pdbx_mosaicity_esd           ? 
_exptl_crystal.pdbx_mosaic_method           ? 
_exptl_crystal.pdbx_mosaic_block_size       ? 
_exptl_crystal.pdbx_mosaic_block_size_esd   ? 
# 
_exptl_crystal_grow.apparatus       ? 
_exptl_crystal_grow.atmosphere      ? 
_exptl_crystal_grow.crystal_id      1 
_exptl_crystal_grow.details         ? 
_exptl_crystal_grow.method          'VAPOR DIFFUSION, SITTING DROP' 
_exptl_crystal_grow.method_ref      ? 
_exptl_crystal_grow.pH              ? 
_exptl_crystal_grow.pressure        ? 
_exptl_crystal_grow.pressure_esd    ? 
_exptl_crystal_grow.seeding         ? 
_exptl_crystal_grow.seeding_ref     ? 
_exptl_crystal_grow.temp_details    ? 
_exptl_crystal_grow.temp_esd        ? 
_exptl_crystal_grow.time            ? 
_exptl_crystal_grow.pdbx_details    '70% MPD, 100mM HEPES pH7.0' 
_exptl_crystal_grow.pdbx_pH_range   ? 
_exptl_crystal_grow.temp            293 
# 
_diffrn.ambient_environment              ? 
_diffrn.ambient_temp                     100 
_diffrn.ambient_temp_details             ? 
_diffrn.ambient_temp_esd                 ? 
_diffrn.crystal_id                       1 
_diffrn.crystal_support                  ? 
_diffrn.crystal_treatment                ? 
_diffrn.details                          ? 
_diffrn.id                               1 
_diffrn.ambient_pressure                 ? 
_diffrn.ambient_pressure_esd             ? 
_diffrn.ambient_pressure_gt              ? 
_diffrn.ambient_pressure_lt              ? 
_diffrn.ambient_temp_gt                  ? 
_diffrn.ambient_temp_lt                  ? 
_diffrn.pdbx_serial_crystal_experiment   N 
# 
_diffrn_detector.details                      ? 
_diffrn_detector.detector                     PIXEL 
_diffrn_detector.diffrn_id                    1 
_diffrn_detector.type                         'DECTRIS PILATUS 6M' 
_diffrn_detector.area_resol_mean              ? 
_diffrn_detector.dtime                        ? 
_diffrn_detector.pdbx_frames_total            ? 
_diffrn_detector.pdbx_collection_time_total   ? 
_diffrn_detector.pdbx_collection_date         2022-10-12 
_diffrn_detector.pdbx_frequency               ? 
_diffrn_detector.id                           ? 
_diffrn_detector.number_of_axes               ? 
# 
_diffrn_radiation.collimation                      ? 
_diffrn_radiation.diffrn_id                        1 
_diffrn_radiation.filter_edge                      ? 
_diffrn_radiation.inhomogeneity                    ? 
_diffrn_radiation.monochromator                    ? 
_diffrn_radiation.polarisn_norm                    ? 
_diffrn_radiation.polarisn_ratio                   ? 
_diffrn_radiation.probe                            ? 
_diffrn_radiation.type                             ? 
_diffrn_radiation.xray_symbol                      ? 
_diffrn_radiation.wavelength_id                    1 
_diffrn_radiation.pdbx_monochromatic_or_laue_m_l   M 
_diffrn_radiation.pdbx_wavelength_list             ? 
_diffrn_radiation.pdbx_wavelength                  ? 
_diffrn_radiation.pdbx_diffrn_protocol             'SINGLE WAVELENGTH' 
_diffrn_radiation.pdbx_analyzer                    ? 
_diffrn_radiation.pdbx_scattering_type             x-ray 
# 
_diffrn_radiation_wavelength.id           1 
_diffrn_radiation_wavelength.wavelength   1 
_diffrn_radiation_wavelength.wt           1.0 
# 
_diffrn_source.current                     ? 
_diffrn_source.details                     ? 
_diffrn_source.diffrn_id                   1 
_diffrn_source.power                       ? 
_diffrn_source.size                        ? 
_diffrn_source.source                      SYNCHROTRON 
_diffrn_source.target                      ? 
_diffrn_source.type                        'PHOTON FACTORY BEAMLINE BL-5A' 
_diffrn_source.voltage                     ? 
_diffrn_source.take-off_angle              ? 
_diffrn_source.pdbx_wavelength_list        1 
_diffrn_source.pdbx_wavelength             ? 
_diffrn_source.pdbx_synchrotron_beamline   BL-5A 
_diffrn_source.pdbx_synchrotron_site       'Photon Factory' 
# 
_reflns.B_iso_Wilson_estimate                          ? 
_reflns.entry_id                                       8JVW 
_reflns.data_reduction_details                         ? 
_reflns.data_reduction_method                          ? 
_reflns.d_resolution_high                              1.8 
_reflns.d_resolution_low                               50 
_reflns.details                                        ? 
_reflns.limit_h_max                                    ? 
_reflns.limit_h_min                                    ? 
_reflns.limit_k_max                                    ? 
_reflns.limit_k_min                                    ? 
_reflns.limit_l_max                                    ? 
_reflns.limit_l_min                                    ? 
_reflns.number_all                                     ? 
_reflns.number_obs                                     7929 
_reflns.observed_criterion                             ? 
_reflns.observed_criterion_F_max                       ? 
_reflns.observed_criterion_F_min                       ? 
_reflns.observed_criterion_I_max                       ? 
_reflns.observed_criterion_I_min                       ? 
_reflns.observed_criterion_sigma_F                     ? 
_reflns.observed_criterion_sigma_I                     ? 
_reflns.percent_possible_obs                           99.9 
_reflns.R_free_details                                 ? 
_reflns.Rmerge_F_all                                   ? 
_reflns.Rmerge_F_obs                                   ? 
_reflns.Friedel_coverage                               ? 
_reflns.number_gt                                      ? 
_reflns.threshold_expression                           ? 
_reflns.pdbx_redundancy                                3.4 
_reflns.pdbx_netI_over_av_sigmaI                       ? 
_reflns.pdbx_netI_over_sigmaI                          18.77 
_reflns.pdbx_res_netI_over_av_sigmaI_2                 ? 
_reflns.pdbx_res_netI_over_sigmaI_2                    ? 
_reflns.pdbx_chi_squared                               ? 
_reflns.pdbx_scaling_rejects                           ? 
_reflns.pdbx_d_res_high_opt                            ? 
_reflns.pdbx_d_res_low_opt                             ? 
_reflns.pdbx_d_res_opt_method                          ? 
_reflns.phase_calculation_details                      ? 
_reflns.pdbx_Rrim_I_all                                ? 
_reflns.pdbx_Rpim_I_all                                ? 
_reflns.pdbx_d_opt                                     ? 
_reflns.pdbx_number_measured_all                       ? 
_reflns.pdbx_diffrn_id                                 1 
_reflns.pdbx_ordinal                                   1 
_reflns.pdbx_CC_half                                   0.99 
_reflns.pdbx_CC_star                                   ? 
_reflns.pdbx_R_split                                   ? 
_reflns.pdbx_Rmerge_I_obs                              ? 
_reflns.pdbx_Rmerge_I_all                              ? 
_reflns.pdbx_Rsym_value                                ? 
_reflns.pdbx_CC_split_method                           ? 
_reflns.pdbx_aniso_diffraction_limit_axis_1_ortho[1]   ? 
_reflns.pdbx_aniso_diffraction_limit_axis_1_ortho[2]   ? 
_reflns.pdbx_aniso_diffraction_limit_axis_1_ortho[3]   ? 
_reflns.pdbx_aniso_diffraction_limit_axis_2_ortho[1]   ? 
_reflns.pdbx_aniso_diffraction_limit_axis_2_ortho[2]   ? 
_reflns.pdbx_aniso_diffraction_limit_axis_2_ortho[3]   ? 
_reflns.pdbx_aniso_diffraction_limit_axis_3_ortho[1]   ? 
_reflns.pdbx_aniso_diffraction_limit_axis_3_ortho[2]   ? 
_reflns.pdbx_aniso_diffraction_limit_axis_3_ortho[3]   ? 
_reflns.pdbx_aniso_diffraction_limit_1                 ? 
_reflns.pdbx_aniso_diffraction_limit_2                 ? 
_reflns.pdbx_aniso_diffraction_limit_3                 ? 
_reflns.pdbx_aniso_B_tensor_eigenvector_1_ortho[1]     ? 
_reflns.pdbx_aniso_B_tensor_eigenvector_1_ortho[2]     ? 
_reflns.pdbx_aniso_B_tensor_eigenvector_1_ortho[3]     ? 
_reflns.pdbx_aniso_B_tensor_eigenvector_2_ortho[1]     ? 
_reflns.pdbx_aniso_B_tensor_eigenvector_2_ortho[2]     ? 
_reflns.pdbx_aniso_B_tensor_eigenvector_2_ortho[3]     ? 
_reflns.pdbx_aniso_B_tensor_eigenvector_3_ortho[1]     ? 
_reflns.pdbx_aniso_B_tensor_eigenvector_3_ortho[2]     ? 
_reflns.pdbx_aniso_B_tensor_eigenvector_3_ortho[3]     ? 
_reflns.pdbx_aniso_B_tensor_eigenvalue_1               ? 
_reflns.pdbx_aniso_B_tensor_eigenvalue_2               ? 
_reflns.pdbx_aniso_B_tensor_eigenvalue_3               ? 
_reflns.pdbx_orthogonalization_convention              ? 
_reflns.pdbx_percent_possible_ellipsoidal              ? 
_reflns.pdbx_percent_possible_spherical                ? 
_reflns.pdbx_percent_possible_ellipsoidal_anomalous    ? 
_reflns.pdbx_percent_possible_spherical_anomalous      ? 
_reflns.pdbx_redundancy_anomalous                      ? 
_reflns.pdbx_CC_half_anomalous                         ? 
_reflns.pdbx_absDiff_over_sigma_anomalous              ? 
_reflns.pdbx_percent_possible_anomalous                ? 
_reflns.pdbx_observed_signal_threshold                 ? 
_reflns.pdbx_signal_type                               ? 
_reflns.pdbx_signal_details                            ? 
_reflns.pdbx_signal_software_id                        ? 
# 
_reflns_shell.d_res_high                                    1.8 
_reflns_shell.d_res_low                                     1.9 
_reflns_shell.meanI_over_sigI_all                           ? 
_reflns_shell.meanI_over_sigI_obs                           ? 
_reflns_shell.number_measured_all                           ? 
_reflns_shell.number_measured_obs                           ? 
_reflns_shell.number_possible                               ? 
_reflns_shell.number_unique_all                             ? 
_reflns_shell.number_unique_obs                             1257 
_reflns_shell.percent_possible_obs                          ? 
_reflns_shell.Rmerge_F_all                                  ? 
_reflns_shell.Rmerge_F_obs                                  ? 
_reflns_shell.meanI_over_sigI_gt                            ? 
_reflns_shell.meanI_over_uI_all                             ? 
_reflns_shell.meanI_over_uI_gt                              ? 
_reflns_shell.number_measured_gt                            ? 
_reflns_shell.number_unique_gt                              ? 
_reflns_shell.percent_possible_gt                           ? 
_reflns_shell.Rmerge_F_gt                                   ? 
_reflns_shell.Rmerge_I_gt                                   ? 
_reflns_shell.pdbx_redundancy                               ? 
_reflns_shell.pdbx_chi_squared                              ? 
_reflns_shell.pdbx_netI_over_sigmaI_all                     ? 
_reflns_shell.pdbx_netI_over_sigmaI_obs                     ? 
_reflns_shell.pdbx_Rrim_I_all                               ? 
_reflns_shell.pdbx_Rpim_I_all                               ? 
_reflns_shell.pdbx_rejects                                  ? 
_reflns_shell.pdbx_ordinal                                  1 
_reflns_shell.pdbx_diffrn_id                                1 
_reflns_shell.pdbx_CC_half                                  0.84 
_reflns_shell.pdbx_CC_star                                  ? 
_reflns_shell.pdbx_R_split                                  ? 
_reflns_shell.percent_possible_all                          ? 
_reflns_shell.Rmerge_I_all                                  ? 
_reflns_shell.Rmerge_I_obs                                  ? 
_reflns_shell.pdbx_Rsym_value                               ? 
_reflns_shell.pdbx_percent_possible_ellipsoidal             ? 
_reflns_shell.pdbx_percent_possible_spherical               ? 
_reflns_shell.pdbx_percent_possible_ellipsoidal_anomalous   ? 
_reflns_shell.pdbx_percent_possible_spherical_anomalous     ? 
_reflns_shell.pdbx_redundancy_anomalous                     ? 
_reflns_shell.pdbx_CC_half_anomalous                        ? 
_reflns_shell.pdbx_absDiff_over_sigma_anomalous             ? 
_reflns_shell.pdbx_percent_possible_anomalous               ? 
# 
_refine.aniso_B[1][1]                            ? 
_refine.aniso_B[1][2]                            ? 
_refine.aniso_B[1][3]                            ? 
_refine.aniso_B[2][2]                            ? 
_refine.aniso_B[2][3]                            ? 
_refine.aniso_B[3][3]                            ? 
_refine.B_iso_max                                ? 
_refine.B_iso_mean                               ? 
_refine.B_iso_min                                ? 
_refine.correlation_coeff_Fo_to_Fc               ? 
_refine.correlation_coeff_Fo_to_Fc_free          ? 
_refine.details                                  ? 
_refine.diff_density_max                         ? 
_refine.diff_density_max_esd                     ? 
_refine.diff_density_min                         ? 
_refine.diff_density_min_esd                     ? 
_refine.diff_density_rms                         ? 
_refine.diff_density_rms_esd                     ? 
_refine.entry_id                                 8JVW 
_refine.pdbx_refine_id                           'X-RAY DIFFRACTION' 
_refine.ls_abs_structure_details                 ? 
_refine.ls_abs_structure_Flack                   ? 
_refine.ls_abs_structure_Flack_esd               ? 
_refine.ls_abs_structure_Rogers                  ? 
_refine.ls_abs_structure_Rogers_esd              ? 
_refine.ls_d_res_high                            1.806 
_refine.ls_d_res_low                             42.145 
_refine.ls_extinction_coef                       ? 
_refine.ls_extinction_coef_esd                   ? 
_refine.ls_extinction_expression                 ? 
_refine.ls_extinction_method                     ? 
_refine.ls_goodness_of_fit_all                   ? 
_refine.ls_goodness_of_fit_all_esd               ? 
_refine.ls_goodness_of_fit_obs                   ? 
_refine.ls_goodness_of_fit_obs_esd               ? 
_refine.ls_hydrogen_treatment                    ? 
_refine.ls_matrix_type                           ? 
_refine.ls_number_constraints                    ? 
_refine.ls_number_parameters                     ? 
_refine.ls_number_reflns_all                     ? 
_refine.ls_number_reflns_obs                     7920 
_refine.ls_number_reflns_R_free                  789 
_refine.ls_number_reflns_R_work                  ? 
_refine.ls_number_restraints                     ? 
_refine.ls_percent_reflns_obs                    99.04 
_refine.ls_percent_reflns_R_free                 9.96 
_refine.ls_R_factor_all                          ? 
_refine.ls_R_factor_obs                          0.2128 
_refine.ls_R_factor_R_free                       0.2327 
_refine.ls_R_factor_R_free_error                 ? 
_refine.ls_R_factor_R_free_error_details         ? 
_refine.ls_R_factor_R_work                       0.2106 
_refine.ls_R_Fsqd_factor_obs                     ? 
_refine.ls_R_I_factor_obs                        ? 
_refine.ls_redundancy_reflns_all                 ? 
_refine.ls_redundancy_reflns_obs                 ? 
_refine.ls_restrained_S_all                      ? 
_refine.ls_restrained_S_obs                      ? 
_refine.ls_shift_over_esd_max                    ? 
_refine.ls_shift_over_esd_mean                   ? 
_refine.ls_structure_factor_coef                 ? 
_refine.ls_weighting_details                     ? 
_refine.ls_weighting_scheme                      ? 
_refine.ls_wR_factor_all                         ? 
_refine.ls_wR_factor_obs                         ? 
_refine.ls_wR_factor_R_free                      ? 
_refine.ls_wR_factor_R_work                      ? 
_refine.occupancy_max                            ? 
_refine.occupancy_min                            ? 
_refine.solvent_model_details                    'FLAT BULK SOLVENT MODEL' 
_refine.solvent_model_param_bsol                 ? 
_refine.solvent_model_param_ksol                 ? 
_refine.pdbx_R_complete                          ? 
_refine.ls_R_factor_gt                           ? 
_refine.ls_goodness_of_fit_gt                    ? 
_refine.ls_goodness_of_fit_ref                   ? 
_refine.ls_shift_over_su_max                     ? 
_refine.ls_shift_over_su_max_lt                  ? 
_refine.ls_shift_over_su_mean                    ? 
_refine.ls_shift_over_su_mean_lt                 ? 
_refine.pdbx_ls_sigma_I                          ? 
_refine.pdbx_ls_sigma_F                          1.35 
_refine.pdbx_ls_sigma_Fsqd                       ? 
_refine.pdbx_data_cutoff_high_absF               ? 
_refine.pdbx_data_cutoff_high_rms_absF           ? 
_refine.pdbx_data_cutoff_low_absF                ? 
_refine.pdbx_isotropic_thermal_model             ? 
_refine.pdbx_ls_cross_valid_method               'FREE R-VALUE' 
_refine.pdbx_method_to_determine_struct          'MOLECULAR REPLACEMENT' 
_refine.pdbx_starting_model                      ? 
_refine.pdbx_stereochemistry_target_values       ML 
_refine.pdbx_R_Free_selection_details            ? 
_refine.pdbx_stereochem_target_val_spec_case     ? 
_refine.pdbx_overall_ESU_R                       ? 
_refine.pdbx_overall_ESU_R_Free                  ? 
_refine.pdbx_solvent_vdw_probe_radii             1.11 
_refine.pdbx_solvent_ion_probe_radii             ? 
_refine.pdbx_solvent_shrinkage_radii             0.90 
_refine.pdbx_real_space_R                        ? 
_refine.pdbx_density_correlation                 ? 
_refine.pdbx_pd_number_of_powder_patterns        ? 
_refine.pdbx_pd_number_of_points                 ? 
_refine.pdbx_pd_meas_number_of_points            ? 
_refine.pdbx_pd_proc_ls_prof_R_factor            ? 
_refine.pdbx_pd_proc_ls_prof_wR_factor           ? 
_refine.pdbx_pd_Marquardt_correlation_coeff      ? 
_refine.pdbx_pd_Fsqrd_R_factor                   ? 
_refine.pdbx_pd_ls_matrix_band_width             ? 
_refine.pdbx_overall_phase_error                 30.43 
_refine.pdbx_overall_SU_R_free_Cruickshank_DPI   ? 
_refine.pdbx_overall_SU_R_free_Blow_DPI          ? 
_refine.pdbx_overall_SU_R_Blow_DPI               ? 
_refine.pdbx_TLS_residual_ADP_flag               ? 
_refine.pdbx_diffrn_id                           1 
_refine.overall_SU_B                             ? 
_refine.overall_SU_ML                            0.23 
_refine.overall_SU_R_Cruickshank_DPI             ? 
_refine.overall_SU_R_free                        ? 
_refine.overall_FOM_free_R_set                   ? 
_refine.overall_FOM_work_R_set                   ? 
_refine.pdbx_average_fsc_overall                 ? 
_refine.pdbx_average_fsc_work                    ? 
_refine.pdbx_average_fsc_free                    ? 
# 
_refine_hist.pdbx_refine_id                   'X-RAY DIFFRACTION' 
_refine_hist.cycle_id                         LAST 
_refine_hist.details                          ? 
_refine_hist.d_res_high                       1.806 
_refine_hist.d_res_low                        42.145 
_refine_hist.number_atoms_solvent             25 
_refine_hist.number_atoms_total               328 
_refine_hist.number_reflns_all                ? 
_refine_hist.number_reflns_obs                ? 
_refine_hist.number_reflns_R_free             ? 
_refine_hist.number_reflns_R_work             ? 
_refine_hist.R_factor_all                     ? 
_refine_hist.R_factor_obs                     ? 
_refine_hist.R_factor_R_free                  ? 
_refine_hist.R_factor_R_work                  ? 
_refine_hist.pdbx_number_residues_total       ? 
_refine_hist.pdbx_B_iso_mean_ligand           ? 
_refine_hist.pdbx_B_iso_mean_solvent          ? 
_refine_hist.pdbx_number_atoms_protein        288 
_refine_hist.pdbx_number_atoms_nucleic_acid   0 
_refine_hist.pdbx_number_atoms_ligand         15 
_refine_hist.pdbx_number_atoms_lipid          ? 
_refine_hist.pdbx_number_atoms_carb           ? 
_refine_hist.pdbx_pseudo_atom_details         ? 
# 
loop_
_refine_ls_restr.pdbx_refine_id 
_refine_ls_restr.criterion 
_refine_ls_restr.dev_ideal 
_refine_ls_restr.dev_ideal_target 
_refine_ls_restr.number 
_refine_ls_restr.rejects 
_refine_ls_restr.type 
_refine_ls_restr.weight 
_refine_ls_restr.pdbx_restraint_function 
'X-RAY DIFFRACTION' ? 0.024  ? 301 ? f_bond_d           ? ? 
'X-RAY DIFFRACTION' ? 1.855  ? 397 ? f_angle_d          ? ? 
'X-RAY DIFFRACTION' ? 30.498 ? 120 ? f_dihedral_angle_d ? ? 
'X-RAY DIFFRACTION' ? 0.151  ? 47  ? f_chiral_restr     ? ? 
'X-RAY DIFFRACTION' ? 0.008  ? 51  ? f_plane_restr      ? ? 
# 
loop_
_refine_ls_shell.pdbx_refine_id 
_refine_ls_shell.d_res_high 
_refine_ls_shell.d_res_low 
_refine_ls_shell.number_reflns_all 
_refine_ls_shell.number_reflns_obs 
_refine_ls_shell.number_reflns_R_free 
_refine_ls_shell.number_reflns_R_work 
_refine_ls_shell.percent_reflns_obs 
_refine_ls_shell.percent_reflns_R_free 
_refine_ls_shell.R_factor_all 
_refine_ls_shell.R_factor_obs 
_refine_ls_shell.R_factor_R_free_error 
_refine_ls_shell.R_factor_R_work 
_refine_ls_shell.redundancy_reflns_all 
_refine_ls_shell.redundancy_reflns_obs 
_refine_ls_shell.wR_factor_all 
_refine_ls_shell.wR_factor_obs 
_refine_ls_shell.wR_factor_R_free 
_refine_ls_shell.wR_factor_R_work 
_refine_ls_shell.pdbx_R_complete 
_refine_ls_shell.pdbx_total_number_of_bins_used 
_refine_ls_shell.pdbx_phase_error 
_refine_ls_shell.pdbx_fsc_work 
_refine_ls_shell.pdbx_fsc_free 
_refine_ls_shell.R_factor_R_free 
'X-RAY DIFFRACTION' 1.806  1.9189 . . 133 1169 98.00  . . . . 0.3499 . . . . . . . . . . . 0.3836 
'X-RAY DIFFRACTION' 1.9189 2.0671 . . 129 1182 99.00  . . . . 0.2738 . . . . . . . . . . . 0.2596 
'X-RAY DIFFRACTION' 2.0671 2.2751 . . 129 1181 99.00  . . . . 0.2228 . . . . . . . . . . . 0.2331 
'X-RAY DIFFRACTION' 2.2751 2.6042 . . 132 1208 100.00 . . . . 0.2099 . . . . . . . . . . . 0.2462 
'X-RAY DIFFRACTION' 2.6042 3.2809 . . 138 1187 100.00 . . . . 0.2112 . . . . . . . . . . . 0.2001 
'X-RAY DIFFRACTION' 3.2809 42.145 . . 128 1204 99.00  . . . . 0.1823 . . . . . . . . . . . 0.2213 
# 
_struct.entry_id                     8JVW 
_struct.title                        'Crystal structure of the dimeric DZBB fold protein tkoL2_v1.2_Z' 
_struct.pdbx_model_details           ? 
_struct.pdbx_formula_weight          ? 
_struct.pdbx_formula_weight_method   ? 
_struct.pdbx_model_type_details      ? 
_struct.pdbx_CASP_flag               N 
# 
_struct_keywords.entry_id        8JVW 
_struct_keywords.text            'Double zeta beta barrel, DNA BINDING PROTEIN' 
_struct_keywords.pdbx_keywords   'DNA BINDING PROTEIN' 
# 
loop_
_struct_asym.id 
_struct_asym.pdbx_blank_PDB_chainid_flag 
_struct_asym.pdbx_modified 
_struct_asym.entity_id 
_struct_asym.details 
A N N 1 ? 
B N N 2 ? 
C N N 2 ? 
D N N 2 ? 
E N N 3 ? 
# 
_struct_ref.id                         1 
_struct_ref.db_name                    PDB 
_struct_ref.db_code                    8JVW 
_struct_ref.pdbx_db_accession          8JVW 
_struct_ref.pdbx_db_isoform            ? 
_struct_ref.entity_id                  1 
_struct_ref.pdbx_seq_one_letter_code   ? 
_struct_ref.pdbx_align_begin           1 
# 
_struct_ref_seq.align_id                      1 
_struct_ref_seq.ref_id                        1 
_struct_ref_seq.pdbx_PDB_id_code              8JVW 
_struct_ref_seq.pdbx_strand_id                A 
_struct_ref_seq.seq_align_beg                 1 
_struct_ref_seq.pdbx_seq_align_beg_ins_code   ? 
_struct_ref_seq.seq_align_end                 42 
_struct_ref_seq.pdbx_seq_align_end_ins_code   ? 
_struct_ref_seq.pdbx_db_accession             8JVW 
_struct_ref_seq.db_align_beg                  1 
_struct_ref_seq.pdbx_db_align_beg_ins_code    ? 
_struct_ref_seq.db_align_end                  42 
_struct_ref_seq.pdbx_db_align_end_ins_code    ? 
_struct_ref_seq.pdbx_auth_seq_align_beg       1 
_struct_ref_seq.pdbx_auth_seq_align_end       42 
# 
_pdbx_struct_assembly.id                   1 
_pdbx_struct_assembly.details              author_and_software_defined_assembly 
_pdbx_struct_assembly.method_details       PISA 
_pdbx_struct_assembly.oligomeric_details   dimeric 
_pdbx_struct_assembly.oligomeric_count     2 
# 
loop_
_pdbx_struct_assembly_prop.biol_id 
_pdbx_struct_assembly_prop.type 
_pdbx_struct_assembly_prop.value 
_pdbx_struct_assembly_prop.details 
1 'ABSA (A^2)' 3310 ? 
1 MORE         -24  ? 
1 'SSA (A^2)'  4940 ? 
# 
_pdbx_struct_assembly_gen.assembly_id       1 
_pdbx_struct_assembly_gen.oper_expression   1,2 
_pdbx_struct_assembly_gen.asym_id_list      A,B,C,D,E 
# 
_pdbx_struct_assembly_auth_evidence.id                     1 
_pdbx_struct_assembly_auth_evidence.assembly_id            1 
_pdbx_struct_assembly_auth_evidence.experimental_support   'gel filtration' 
_pdbx_struct_assembly_auth_evidence.details                ? 
# 
loop_
_pdbx_struct_oper_list.id 
_pdbx_struct_oper_list.type 
_pdbx_struct_oper_list.name 
_pdbx_struct_oper_list.symmetry_operation 
_pdbx_struct_oper_list.matrix[1][1] 
_pdbx_struct_oper_list.matrix[1][2] 
_pdbx_struct_oper_list.matrix[1][3] 
_pdbx_struct_oper_list.vector[1] 
_pdbx_struct_oper_list.matrix[2][1] 
_pdbx_struct_oper_list.matrix[2][2] 
_pdbx_struct_oper_list.matrix[2][3] 
_pdbx_struct_oper_list.vector[2] 
_pdbx_struct_oper_list.matrix[3][1] 
_pdbx_struct_oper_list.matrix[3][2] 
_pdbx_struct_oper_list.matrix[3][3] 
_pdbx_struct_oper_list.vector[3] 
1 'identity operation'         1_555 x,y,z   1.0000000000 0.0000000000 0.0000000000 0.0000000000 0.0000000000 1.0000000000  0.0000000000 0.0000000000  0.0000000000 0.0000000000 1.0000000000  0.0000000000  
2 'crystal symmetry operation' 2_555 -x,-y,z 0.6963596291 0.5836760378 0.4176189050 2.2590293113 0.5836760378 -0.7991712894 0.1436924952 -6.0601520309 0.4176189050 0.1436924952 -0.8971883398 -0.7062912987 
# 
_struct_conf.conf_type_id            HELX_P 
_struct_conf.id                      HELX_P1 
_struct_conf.pdbx_PDB_helix_id       AA1 
_struct_conf.beg_label_comp_id       ARG 
_struct_conf.beg_label_asym_id       A 
_struct_conf.beg_label_seq_id        16 
_struct_conf.pdbx_beg_PDB_ins_code   ? 
_struct_conf.end_label_comp_id       VAL 
_struct_conf.end_label_asym_id       A 
_struct_conf.end_label_seq_id        20 
_struct_conf.pdbx_end_PDB_ins_code   ? 
_struct_conf.beg_auth_comp_id        ARG 
_struct_conf.beg_auth_asym_id        A 
_struct_conf.beg_auth_seq_id         16 
_struct_conf.end_auth_comp_id        VAL 
_struct_conf.end_auth_asym_id        A 
_struct_conf.end_auth_seq_id         20 
_struct_conf.pdbx_PDB_helix_class    5 
_struct_conf.details                 ? 
_struct_conf.pdbx_PDB_helix_length   5 
# 
_struct_conf_type.id          HELX_P 
_struct_conf_type.criteria    ? 
_struct_conf_type.reference   ? 
# 
_struct_sheet.id               AA1 
_struct_sheet.type             ? 
_struct_sheet.number_strands   2 
_struct_sheet.details          ? 
# 
_struct_sheet_order.sheet_id     AA1 
_struct_sheet_order.range_id_1   1 
_struct_sheet_order.range_id_2   2 
_struct_sheet_order.offset       ? 
_struct_sheet_order.sense        anti-parallel 
# 
loop_
_struct_sheet_range.sheet_id 
_struct_sheet_range.id 
_struct_sheet_range.beg_label_comp_id 
_struct_sheet_range.beg_label_asym_id 
_struct_sheet_range.beg_label_seq_id 
_struct_sheet_range.pdbx_beg_PDB_ins_code 
_struct_sheet_range.end_label_comp_id 
_struct_sheet_range.end_label_asym_id 
_struct_sheet_range.end_label_seq_id 
_struct_sheet_range.pdbx_end_PDB_ins_code 
_struct_sheet_range.beg_auth_comp_id 
_struct_sheet_range.beg_auth_asym_id 
_struct_sheet_range.beg_auth_seq_id 
_struct_sheet_range.end_auth_comp_id 
_struct_sheet_range.end_auth_asym_id 
_struct_sheet_range.end_auth_seq_id 
AA1 1 LYS A 7  ? ARG A 11 ? LYS A 7  ARG A 11 
AA1 2 VAL A 36 ? LYS A 40 ? VAL A 36 LYS A 40 
# 
_pdbx_struct_sheet_hbond.sheet_id                AA1 
_pdbx_struct_sheet_hbond.range_id_1              1 
_pdbx_struct_sheet_hbond.range_id_2              2 
_pdbx_struct_sheet_hbond.range_1_label_atom_id   N 
_pdbx_struct_sheet_hbond.range_1_label_comp_id   ALA 
_pdbx_struct_sheet_hbond.range_1_label_asym_id   A 
_pdbx_struct_sheet_hbond.range_1_label_seq_id    10 
_pdbx_struct_sheet_hbond.range_1_PDB_ins_code    ? 
_pdbx_struct_sheet_hbond.range_1_auth_atom_id    N 
_pdbx_struct_sheet_hbond.range_1_auth_comp_id    ALA 
_pdbx_struct_sheet_hbond.range_1_auth_asym_id    A 
_pdbx_struct_sheet_hbond.range_1_auth_seq_id     10 
_pdbx_struct_sheet_hbond.range_2_label_atom_id   O 
_pdbx_struct_sheet_hbond.range_2_label_comp_id   VAL 
_pdbx_struct_sheet_hbond.range_2_label_asym_id   A 
_pdbx_struct_sheet_hbond.range_2_label_seq_id    37 
_pdbx_struct_sheet_hbond.range_2_PDB_ins_code    ? 
_pdbx_struct_sheet_hbond.range_2_auth_atom_id    O 
_pdbx_struct_sheet_hbond.range_2_auth_comp_id    VAL 
_pdbx_struct_sheet_hbond.range_2_auth_asym_id    A 
_pdbx_struct_sheet_hbond.range_2_auth_seq_id     37 
# 
loop_
_pdbx_validate_rmsd_bond.id 
_pdbx_validate_rmsd_bond.PDB_model_num 
_pdbx_validate_rmsd_bond.auth_atom_id_1 
_pdbx_validate_rmsd_bond.auth_asym_id_1 
_pdbx_validate_rmsd_bond.auth_comp_id_1 
_pdbx_validate_rmsd_bond.auth_seq_id_1 
_pdbx_validate_rmsd_bond.PDB_ins_code_1 
_pdbx_validate_rmsd_bond.label_alt_id_1 
_pdbx_validate_rmsd_bond.auth_atom_id_2 
_pdbx_validate_rmsd_bond.auth_asym_id_2 
_pdbx_validate_rmsd_bond.auth_comp_id_2 
_pdbx_validate_rmsd_bond.auth_seq_id_2 
_pdbx_validate_rmsd_bond.PDB_ins_code_2 
_pdbx_validate_rmsd_bond.label_alt_id_2 
_pdbx_validate_rmsd_bond.bond_value 
_pdbx_validate_rmsd_bond.bond_target_value 
_pdbx_validate_rmsd_bond.bond_deviation 
_pdbx_validate_rmsd_bond.bond_standard_deviation 
_pdbx_validate_rmsd_bond.linker_flag 
1 1 CD A GLU 13 ? ? OE2 A GLU 13 ? ? 1.184 1.252 -0.068 0.011 N 
2 1 CD A GLU 14 ? ? OE1 A GLU 14 ? ? 1.177 1.252 -0.075 0.011 N 
3 1 CD A GLU 14 ? ? OE2 A GLU 14 ? ? 1.185 1.252 -0.067 0.011 N 
# 
_pdbx_struct_special_symmetry.id              1 
_pdbx_struct_special_symmetry.PDB_model_num   1 
_pdbx_struct_special_symmetry.auth_asym_id    A 
_pdbx_struct_special_symmetry.auth_comp_id    HOH 
_pdbx_struct_special_symmetry.auth_seq_id     221 
_pdbx_struct_special_symmetry.PDB_ins_code    ? 
_pdbx_struct_special_symmetry.label_asym_id   E 
_pdbx_struct_special_symmetry.label_comp_id   HOH 
_pdbx_struct_special_symmetry.label_seq_id    . 
# 
_pdbx_entry_details.entry_id                   8JVW 
_pdbx_entry_details.nonpolymer_details         ? 
_pdbx_entry_details.sequence_details           ? 
_pdbx_entry_details.compound_details           ? 
_pdbx_entry_details.source_details             ? 
_pdbx_entry_details.has_ligand_of_interest     N 
_pdbx_entry_details.has_protein_modification   ? 
# 
loop_
_pdbx_unobs_or_zero_occ_residues.id 
_pdbx_unobs_or_zero_occ_residues.PDB_model_num 
_pdbx_unobs_or_zero_occ_residues.polymer_flag 
_pdbx_unobs_or_zero_occ_residues.occupancy_flag 
_pdbx_unobs_or_zero_occ_residues.auth_asym_id 
_pdbx_unobs_or_zero_occ_residues.auth_comp_id 
_pdbx_unobs_or_zero_occ_residues.auth_seq_id 
_pdbx_unobs_or_zero_occ_residues.PDB_ins_code 
_pdbx_unobs_or_zero_occ_residues.label_asym_id 
_pdbx_unobs_or_zero_occ_residues.label_comp_id 
_pdbx_unobs_or_zero_occ_residues.label_seq_id 
1 1 Y 1 A GLY 1 ? A GLY 1 
2 1 Y 1 A PRO 2 ? A PRO 2 
3 1 Y 1 A MET 3 ? A MET 3 
4 1 Y 1 A PRO 4 ? A PRO 4 
5 1 Y 1 A GLY 5 ? A GLY 5 
# 
loop_
_chem_comp_atom.comp_id 
_chem_comp_atom.atom_id 
_chem_comp_atom.type_symbol 
_chem_comp_atom.pdbx_aromatic_flag 
_chem_comp_atom.pdbx_stereo_config 
_chem_comp_atom.pdbx_ordinal 
ALA N    N N N 1   
ALA CA   C N S 2   
ALA C    C N N 3   
ALA O    O N N 4   
ALA CB   C N N 5   
ALA OXT  O N N 6   
ALA H    H N N 7   
ALA H2   H N N 8   
ALA HA   H N N 9   
ALA HB1  H N N 10  
ALA HB2  H N N 11  
ALA HB3  H N N 12  
ALA HXT  H N N 13  
ARG N    N N N 14  
ARG CA   C N S 15  
ARG C    C N N 16  
ARG O    O N N 17  
ARG CB   C N N 18  
ARG CG   C N N 19  
ARG CD   C N N 20  
ARG NE   N N N 21  
ARG CZ   C N N 22  
ARG NH1  N N N 23  
ARG NH2  N N N 24  
ARG OXT  O N N 25  
ARG H    H N N 26  
ARG H2   H N N 27  
ARG HA   H N N 28  
ARG HB2  H N N 29  
ARG HB3  H N N 30  
ARG HG2  H N N 31  
ARG HG3  H N N 32  
ARG HD2  H N N 33  
ARG HD3  H N N 34  
ARG HE   H N N 35  
ARG HH11 H N N 36  
ARG HH12 H N N 37  
ARG HH21 H N N 38  
ARG HH22 H N N 39  
ARG HXT  H N N 40  
ASP N    N N N 41  
ASP CA   C N S 42  
ASP C    C N N 43  
ASP O    O N N 44  
ASP CB   C N N 45  
ASP CG   C N N 46  
ASP OD1  O N N 47  
ASP OD2  O N N 48  
ASP OXT  O N N 49  
ASP H    H N N 50  
ASP H2   H N N 51  
ASP HA   H N N 52  
ASP HB2  H N N 53  
ASP HB3  H N N 54  
ASP HD2  H N N 55  
ASP HXT  H N N 56  
GLU N    N N N 57  
GLU CA   C N S 58  
GLU C    C N N 59  
GLU O    O N N 60  
GLU CB   C N N 61  
GLU CG   C N N 62  
GLU CD   C N N 63  
GLU OE1  O N N 64  
GLU OE2  O N N 65  
GLU OXT  O N N 66  
GLU H    H N N 67  
GLU H2   H N N 68  
GLU HA   H N N 69  
GLU HB2  H N N 70  
GLU HB3  H N N 71  
GLU HG2  H N N 72  
GLU HG3  H N N 73  
GLU HE2  H N N 74  
GLU HXT  H N N 75  
GLY N    N N N 76  
GLY CA   C N N 77  
GLY C    C N N 78  
GLY O    O N N 79  
GLY OXT  O N N 80  
GLY H    H N N 81  
GLY H2   H N N 82  
GLY HA2  H N N 83  
GLY HA3  H N N 84  
GLY HXT  H N N 85  
HOH O    O N N 86  
HOH H1   H N N 87  
HOH H2   H N N 88  
ILE N    N N N 89  
ILE CA   C N S 90  
ILE C    C N N 91  
ILE O    O N N 92  
ILE CB   C N S 93  
ILE CG1  C N N 94  
ILE CG2  C N N 95  
ILE CD1  C N N 96  
ILE OXT  O N N 97  
ILE H    H N N 98  
ILE H2   H N N 99  
ILE HA   H N N 100 
ILE HB   H N N 101 
ILE HG12 H N N 102 
ILE HG13 H N N 103 
ILE HG21 H N N 104 
ILE HG22 H N N 105 
ILE HG23 H N N 106 
ILE HD11 H N N 107 
ILE HD12 H N N 108 
ILE HD13 H N N 109 
ILE HXT  H N N 110 
LYS N    N N N 111 
LYS CA   C N S 112 
LYS C    C N N 113 
LYS O    O N N 114 
LYS CB   C N N 115 
LYS CG   C N N 116 
LYS CD   C N N 117 
LYS CE   C N N 118 
LYS NZ   N N N 119 
LYS OXT  O N N 120 
LYS H    H N N 121 
LYS H2   H N N 122 
LYS HA   H N N 123 
LYS HB2  H N N 124 
LYS HB3  H N N 125 
LYS HG2  H N N 126 
LYS HG3  H N N 127 
LYS HD2  H N N 128 
LYS HD3  H N N 129 
LYS HE2  H N N 130 
LYS HE3  H N N 131 
LYS HZ1  H N N 132 
LYS HZ2  H N N 133 
LYS HZ3  H N N 134 
LYS HXT  H N N 135 
MET N    N N N 136 
MET CA   C N S 137 
MET C    C N N 138 
MET O    O N N 139 
MET CB   C N N 140 
MET CG   C N N 141 
MET SD   S N N 142 
MET CE   C N N 143 
MET OXT  O N N 144 
MET H    H N N 145 
MET H2   H N N 146 
MET HA   H N N 147 
MET HB2  H N N 148 
MET HB3  H N N 149 
MET HG2  H N N 150 
MET HG3  H N N 151 
MET HE1  H N N 152 
MET HE2  H N N 153 
MET HE3  H N N 154 
MET HXT  H N N 155 
PHE N    N N N 156 
PHE CA   C N S 157 
PHE C    C N N 158 
PHE O    O N N 159 
PHE CB   C N N 160 
PHE CG   C Y N 161 
PHE CD1  C Y N 162 
PHE CD2  C Y N 163 
PHE CE1  C Y N 164 
PHE CE2  C Y N 165 
PHE CZ   C Y N 166 
PHE OXT  O N N 167 
PHE H    H N N 168 
PHE H2   H N N 169 
PHE HA   H N N 170 
PHE HB2  H N N 171 
PHE HB3  H N N 172 
PHE HD1  H N N 173 
PHE HD2  H N N 174 
PHE HE1  H N N 175 
PHE HE2  H N N 176 
PHE HZ   H N N 177 
PHE HXT  H N N 178 
PRO N    N N N 179 
PRO CA   C N S 180 
PRO C    C N N 181 
PRO O    O N N 182 
PRO CB   C N N 183 
PRO CG   C N N 184 
PRO CD   C N N 185 
PRO OXT  O N N 186 
PRO H    H N N 187 
PRO HA   H N N 188 
PRO HB2  H N N 189 
PRO HB3  H N N 190 
PRO HG2  H N N 191 
PRO HG3  H N N 192 
PRO HD2  H N N 193 
PRO HD3  H N N 194 
PRO HXT  H N N 195 
VAL N    N N N 196 
VAL CA   C N S 197 
VAL C    C N N 198 
VAL O    O N N 199 
VAL CB   C N N 200 
VAL CG1  C N N 201 
VAL CG2  C N N 202 
VAL OXT  O N N 203 
VAL H    H N N 204 
VAL H2   H N N 205 
VAL HA   H N N 206 
VAL HB   H N N 207 
VAL HG11 H N N 208 
VAL HG12 H N N 209 
VAL HG13 H N N 210 
VAL HG21 H N N 211 
VAL HG22 H N N 212 
VAL HG23 H N N 213 
VAL HXT  H N N 214 
# 
loop_
_chem_comp_bond.comp_id 
_chem_comp_bond.atom_id_1 
_chem_comp_bond.atom_id_2 
_chem_comp_bond.value_order 
_chem_comp_bond.pdbx_aromatic_flag 
_chem_comp_bond.pdbx_stereo_config 
_chem_comp_bond.pdbx_ordinal 
ALA N   CA   sing N N 1   
ALA N   H    sing N N 2   
ALA N   H2   sing N N 3   
ALA CA  C    sing N N 4   
ALA CA  CB   sing N N 5   
ALA CA  HA   sing N N 6   
ALA C   O    doub N N 7   
ALA C   OXT  sing N N 8   
ALA CB  HB1  sing N N 9   
ALA CB  HB2  sing N N 10  
ALA CB  HB3  sing N N 11  
ALA OXT HXT  sing N N 12  
ARG N   CA   sing N N 13  
ARG N   H    sing N N 14  
ARG N   H2   sing N N 15  
ARG CA  C    sing N N 16  
ARG CA  CB   sing N N 17  
ARG CA  HA   sing N N 18  
ARG C   O    doub N N 19  
ARG C   OXT  sing N N 20  
ARG CB  CG   sing N N 21  
ARG CB  HB2  sing N N 22  
ARG CB  HB3  sing N N 23  
ARG CG  CD   sing N N 24  
ARG CG  HG2  sing N N 25  
ARG CG  HG3  sing N N 26  
ARG CD  NE   sing N N 27  
ARG CD  HD2  sing N N 28  
ARG CD  HD3  sing N N 29  
ARG NE  CZ   sing N N 30  
ARG NE  HE   sing N N 31  
ARG CZ  NH1  sing N N 32  
ARG CZ  NH2  doub N N 33  
ARG NH1 HH11 sing N N 34  
ARG NH1 HH12 sing N N 35  
ARG NH2 HH21 sing N N 36  
ARG NH2 HH22 sing N N 37  
ARG OXT HXT  sing N N 38  
ASP N   CA   sing N N 39  
ASP N   H    sing N N 40  
ASP N   H2   sing N N 41  
ASP CA  C    sing N N 42  
ASP CA  CB   sing N N 43  
ASP CA  HA   sing N N 44  
ASP C   O    doub N N 45  
ASP C   OXT  sing N N 46  
ASP CB  CG   sing N N 47  
ASP CB  HB2  sing N N 48  
ASP CB  HB3  sing N N 49  
ASP CG  OD1  doub N N 50  
ASP CG  OD2  sing N N 51  
ASP OD2 HD2  sing N N 52  
ASP OXT HXT  sing N N 53  
GLU N   CA   sing N N 54  
GLU N   H    sing N N 55  
GLU N   H2   sing N N 56  
GLU CA  C    sing N N 57  
GLU CA  CB   sing N N 58  
GLU CA  HA   sing N N 59  
GLU C   O    doub N N 60  
GLU C   OXT  sing N N 61  
GLU CB  CG   sing N N 62  
GLU CB  HB2  sing N N 63  
GLU CB  HB3  sing N N 64  
GLU CG  CD   sing N N 65  
GLU CG  HG2  sing N N 66  
GLU CG  HG3  sing N N 67  
GLU CD  OE1  doub N N 68  
GLU CD  OE2  sing N N 69  
GLU OE2 HE2  sing N N 70  
GLU OXT HXT  sing N N 71  
GLY N   CA   sing N N 72  
GLY N   H    sing N N 73  
GLY N   H2   sing N N 74  
GLY CA  C    sing N N 75  
GLY CA  HA2  sing N N 76  
GLY CA  HA3  sing N N 77  
GLY C   O    doub N N 78  
GLY C   OXT  sing N N 79  
GLY OXT HXT  sing N N 80  
HOH O   H1   sing N N 81  
HOH O   H2   sing N N 82  
ILE N   CA   sing N N 83  
ILE N   H    sing N N 84  
ILE N   H2   sing N N 85  
ILE CA  C    sing N N 86  
ILE CA  CB   sing N N 87  
ILE CA  HA   sing N N 88  
ILE C   O    doub N N 89  
ILE C   OXT  sing N N 90  
ILE CB  CG1  sing N N 91  
ILE CB  CG2  sing N N 92  
ILE CB  HB   sing N N 93  
ILE CG1 CD1  sing N N 94  
ILE CG1 HG12 sing N N 95  
ILE CG1 HG13 sing N N 96  
ILE CG2 HG21 sing N N 97  
ILE CG2 HG22 sing N N 98  
ILE CG2 HG23 sing N N 99  
ILE CD1 HD11 sing N N 100 
ILE CD1 HD12 sing N N 101 
ILE CD1 HD13 sing N N 102 
ILE OXT HXT  sing N N 103 
LYS N   CA   sing N N 104 
LYS N   H    sing N N 105 
LYS N   H2   sing N N 106 
LYS CA  C    sing N N 107 
LYS CA  CB   sing N N 108 
LYS CA  HA   sing N N 109 
LYS C   O    doub N N 110 
LYS C   OXT  sing N N 111 
LYS CB  CG   sing N N 112 
LYS CB  HB2  sing N N 113 
LYS CB  HB3  sing N N 114 
LYS CG  CD   sing N N 115 
LYS CG  HG2  sing N N 116 
LYS CG  HG3  sing N N 117 
LYS CD  CE   sing N N 118 
LYS CD  HD2  sing N N 119 
LYS CD  HD3  sing N N 120 
LYS CE  NZ   sing N N 121 
LYS CE  HE2  sing N N 122 
LYS CE  HE3  sing N N 123 
LYS NZ  HZ1  sing N N 124 
LYS NZ  HZ2  sing N N 125 
LYS NZ  HZ3  sing N N 126 
LYS OXT HXT  sing N N 127 
MET N   CA   sing N N 128 
MET N   H    sing N N 129 
MET N   H2   sing N N 130 
MET CA  C    sing N N 131 
MET CA  CB   sing N N 132 
MET CA  HA   sing N N 133 
MET C   O    doub N N 134 
MET C   OXT  sing N N 135 
MET CB  CG   sing N N 136 
MET CB  HB2  sing N N 137 
MET CB  HB3  sing N N 138 
MET CG  SD   sing N N 139 
MET CG  HG2  sing N N 140 
MET CG  HG3  sing N N 141 
MET SD  CE   sing N N 142 
MET CE  HE1  sing N N 143 
MET CE  HE2  sing N N 144 
MET CE  HE3  sing N N 145 
MET OXT HXT  sing N N 146 
PHE N   CA   sing N N 147 
PHE N   H    sing N N 148 
PHE N   H2   sing N N 149 
PHE CA  C    sing N N 150 
PHE CA  CB   sing N N 151 
PHE CA  HA   sing N N 152 
PHE C   O    doub N N 153 
PHE C   OXT  sing N N 154 
PHE CB  CG   sing N N 155 
PHE CB  HB2  sing N N 156 
PHE CB  HB3  sing N N 157 
PHE CG  CD1  doub Y N 158 
PHE CG  CD2  sing Y N 159 
PHE CD1 CE1  sing Y N 160 
PHE CD1 HD1  sing N N 161 
PHE CD2 CE2  doub Y N 162 
PHE CD2 HD2  sing N N 163 
PHE CE1 CZ   doub Y N 164 
PHE CE1 HE1  sing N N 165 
PHE CE2 CZ   sing Y N 166 
PHE CE2 HE2  sing N N 167 
PHE CZ  HZ   sing N N 168 
PHE OXT HXT  sing N N 169 
PRO N   CA   sing N N 170 
PRO N   CD   sing N N 171 
PRO N   H    sing N N 172 
PRO CA  C    sing N N 173 
PRO CA  CB   sing N N 174 
PRO CA  HA   sing N N 175 
PRO C   O    doub N N 176 
PRO C   OXT  sing N N 177 
PRO CB  CG   sing N N 178 
PRO CB  HB2  sing N N 179 
PRO CB  HB3  sing N N 180 
PRO CG  CD   sing N N 181 
PRO CG  HG2  sing N N 182 
PRO CG  HG3  sing N N 183 
PRO CD  HD2  sing N N 184 
PRO CD  HD3  sing N N 185 
PRO OXT HXT  sing N N 186 
VAL N   CA   sing N N 187 
VAL N   H    sing N N 188 
VAL N   H2   sing N N 189 
VAL CA  C    sing N N 190 
VAL CA  CB   sing N N 191 
VAL CA  HA   sing N N 192 
VAL C   O    doub N N 193 
VAL C   OXT  sing N N 194 
VAL CB  CG1  sing N N 195 
VAL CB  CG2  sing N N 196 
VAL CB  HB   sing N N 197 
VAL CG1 HG11 sing N N 198 
VAL CG1 HG12 sing N N 199 
VAL CG1 HG13 sing N N 200 
VAL CG2 HG21 sing N N 201 
VAL CG2 HG22 sing N N 202 
VAL CG2 HG23 sing N N 203 
VAL OXT HXT  sing N N 204 
# 
loop_
_pdbx_audit_support.funding_organization 
_pdbx_audit_support.country 
_pdbx_audit_support.grant_number 
_pdbx_audit_support.ordinal 
'Japan Society for the Promotion of Science (JSPS)' Japan 18H01328 1 
'Japan Society for the Promotion of Science (JSPS)' Japan 20K15854 2 
'Japan Society for the Promotion of Science (JSPS)' Japan 22H01346 3 
# 
_pdbx_initial_refinement_model.id               1 
_pdbx_initial_refinement_model.entity_id_list   ? 
_pdbx_initial_refinement_model.type             'experimental model' 
_pdbx_initial_refinement_model.source_name      PDB 
_pdbx_initial_refinement_model.accession_code   8JVP 
_pdbx_initial_refinement_model.details          ? 
# 
_atom_sites.entry_id                    8JVW 
_atom_sites.Cartn_transf_matrix[1][1]   ? 
_atom_sites.Cartn_transf_matrix[1][2]   ? 
_atom_sites.Cartn_transf_matrix[1][3]   ? 
_atom_sites.Cartn_transf_matrix[2][1]   ? 
_atom_sites.Cartn_transf_matrix[2][2]   ? 
_atom_sites.Cartn_transf_matrix[2][3]   ? 
_atom_sites.Cartn_transf_matrix[3][1]   ? 
_atom_sites.Cartn_transf_matrix[3][2]   ? 
_atom_sites.Cartn_transf_matrix[3][3]   ? 
_atom_sites.Cartn_transf_vector[1]      ? 
_atom_sites.Cartn_transf_vector[2]      ? 
_atom_sites.Cartn_transf_vector[3]      ? 
_atom_sites.fract_transf_matrix[1][1]   -0.01196230 
_atom_sites.fract_transf_matrix[1][2]   0.00654124 
_atom_sites.fract_transf_matrix[1][3]   0.03944840 
_atom_sites.fract_transf_matrix[2][1]   -0.00594161 
_atom_sites.fract_transf_matrix[2][2]   0.02105553 
_atom_sites.fract_transf_matrix[2][3]   -0.00529311 
_atom_sites.fract_transf_matrix[3][1]   -0.01092635 
_atom_sites.fract_transf_matrix[3][2]   -0.00375949 
_atom_sites.fract_transf_matrix[3][3]   -0.00268991 
_atom_sites.fract_transf_vector[1]      0.047263 
_atom_sites.fract_transf_vector[2]      0.068642 
_atom_sites.fract_transf_vector[3]      0.300727 
_atom_sites.solution_primary            ? 
_atom_sites.solution_secondary          ? 
_atom_sites.solution_hydrogens          ? 
_atom_sites.special_details             ? 
# 
loop_
_atom_type.symbol 
C 
N 
O 
# 
loop_
_atom_site.group_PDB 
_atom_site.id 
_atom_site.type_symbol 
_atom_site.label_atom_id 
_atom_site.label_alt_id 
_atom_site.label_comp_id 
_atom_site.label_asym_id 
_atom_site.label_entity_id 
_atom_site.label_seq_id 
_atom_site.pdbx_PDB_ins_code 
_atom_site.Cartn_x 
_atom_site.Cartn_y 
_atom_site.Cartn_z 
_atom_site.occupancy 
_atom_site.B_iso_or_equiv 
_atom_site.pdbx_formal_charge 
_atom_site.auth_seq_id 
_atom_site.auth_comp_id 
_atom_site.auth_asym_id 
_atom_site.auth_atom_id 
_atom_site.pdbx_PDB_model_num 
ATOM   1   N N   . LYS A 1 6  ? -10.088 -12.136 5.386   1.00 65.64  ? 6   LYS A N   1 
ATOM   2   C CA  . LYS A 1 6  ? -8.903  -11.397 5.889   1.00 61.86  ? 6   LYS A CA  1 
ATOM   3   C C   . LYS A 1 6  ? -8.620  -10.255 4.914   1.00 57.86  ? 6   LYS A C   1 
ATOM   4   O O   . LYS A 1 6  ? -7.789  -10.409 4.038   1.00 47.27  ? 6   LYS A O   1 
ATOM   5   C CB  . LYS A 1 6  ? -7.688  -12.313 6.018   1.00 63.36  ? 6   LYS A CB  1 
ATOM   6   C CG  . LYS A 1 6  ? -6.601  -11.849 6.971   1.00 63.09  ? 6   LYS A CG  1 
ATOM   7   C CD  . LYS A 1 6  ? -6.287  -12.855 8.064   1.00 67.32  ? 6   LYS A CD  1 
ATOM   8   C CE  . LYS A 1 6  ? -5.453  -14.042 7.635   1.00 66.72  ? 6   LYS A CE  1 
ATOM   9   N NZ  . LYS A 1 6  ? -4.761  -14.654 8.797   1.00 71.59  ? 6   LYS A NZ  1 
ATOM   10  N N   . LYS A 1 7  ? -9.293  -9.139  5.131   1.00 49.09  ? 7   LYS A N   1 
ATOM   11  C CA  . LYS A 1 7  ? -9.161  -8.020  4.191   1.00 50.80  ? 7   LYS A CA  1 
ATOM   12  C C   . LYS A 1 7  ? -9.092  -6.709  4.959   1.00 49.24  ? 7   LYS A C   1 
ATOM   13  O O   . LYS A 1 7  ? -9.516  -6.666  6.115   1.00 49.02  ? 7   LYS A O   1 
ATOM   14  C CB  . LYS A 1 7  ? -10.336 -8.084  3.222   1.00 54.11  ? 7   LYS A CB  1 
ATOM   15  C CG  . LYS A 1 7  ? -11.413 -7.045  3.402   1.00 57.98  ? 7   LYS A CG  1 
ATOM   16  C CD  . LYS A 1 7  ? -12.608 -7.286  2.530   1.00 65.65  ? 7   LYS A CD  1 
ATOM   17  C CE  . LYS A 1 7  ? -13.888 -7.365  3.342   1.00 76.47  ? 7   LYS A CE  1 
ATOM   18  N NZ  . LYS A 1 7  ? -15.124 -7.515  2.525   1.00 78.16  ? 7   LYS A NZ  1 
ATOM   19  N N   . PHE A 1 8  ? -8.487  -5.708  4.336   1.00 40.04  ? 8   PHE A N   1 
ATOM   20  C CA  . PHE A 1 8  ? -8.432  -4.367  4.953   1.00 37.61  ? 8   PHE A CA  1 
ATOM   21  C C   . PHE A 1 8  ? -8.404  -3.277  3.881   1.00 37.46  ? 8   PHE A C   1 
ATOM   22  O O   . PHE A 1 8  ? -8.242  -3.553  2.709   1.00 32.55  ? 8   PHE A O   1 
ATOM   23  C CB  . PHE A 1 8  ? -7.288  -4.267  5.950   1.00 33.64  ? 8   PHE A CB  1 
ATOM   24  C CG  . PHE A 1 8  ? -5.922  -4.238  5.335   1.00 36.91  ? 8   PHE A CG  1 
ATOM   25  C CD1 . PHE A 1 8  ? -5.304  -5.400  4.961   1.00 33.94  ? 8   PHE A CD1 1 
ATOM   26  C CD2 . PHE A 1 8  ? -5.256  -3.052  5.144   1.00 39.71  ? 8   PHE A CD2 1 
ATOM   27  C CE1 . PHE A 1 8  ? -4.049  -5.382  4.401   1.00 33.26  ? 8   PHE A CE1 1 
ATOM   28  C CE2 . PHE A 1 8  ? -4.002  -3.033  4.584   1.00 33.89  ? 8   PHE A CE2 1 
ATOM   29  C CZ  . PHE A 1 8  ? -3.399  -4.204  4.221   1.00 36.56  ? 8   PHE A CZ  1 
ATOM   30  N N   . VAL A 1 9  ? -8.598  -2.049  4.340   1.00 39.79  ? 9   VAL A N   1 
ATOM   31  C CA  . VAL A 1 9  ? -8.588  -0.868  3.448   1.00 33.85  ? 9   VAL A CA  1 
ATOM   32  C C   . VAL A 1 9  ? -7.451  0.028   3.919   1.00 38.34  ? 9   VAL A C   1 
ATOM   33  O O   . VAL A 1 9  ? -7.287  0.168   5.098   1.00 34.15  ? 9   VAL A O   1 
ATOM   34  C CB  . VAL A 1 9  ? -9.945  -0.160  3.493   1.00 41.67  ? 9   VAL A CB  1 
ATOM   35  C CG1 . VAL A 1 9  ? -9.816  1.300   3.209   1.00 41.28  ? 9   VAL A CG1 1 
ATOM   36  C CG2 . VAL A 1 9  ? -10.923 -0.781  2.530   1.00 44.16  ? 9   VAL A CG2 1 
ATOM   37  N N   . ALA A 1 10 ? -6.682  0.563   2.992   1.00 32.05  ? 10  ALA A N   1 
ATOM   38  C CA  . ALA A 1 10 ? -5.592  1.458   3.395   1.00 33.07  ? 10  ALA A CA  1 
ATOM   39  C C   . ALA A 1 10 ? -5.213  2.380   2.246   1.00 33.44  ? 10  ALA A C   1 
ATOM   40  O O   . ALA A 1 10 ? -5.635  2.155   1.173   1.00 33.94  ? 10  ALA A O   1 
ATOM   41  C CB  . ALA A 1 10 ? -4.421  0.654   3.846   1.00 36.07  ? 10  ALA A CB  1 
ATOM   42  N N   . ARG A 1 11 ? -4.369  3.352   2.530   1.00 30.69  ? 11  ARG A N   1 
ATOM   43  C CA  . ARG A 1 11 ? -3.929  4.307   1.509   1.00 27.29  ? 11  ARG A CA  1 
ATOM   44  C C   . ARG A 1 11 ? -2.516  3.946   1.095   1.00 32.60  ? 11  ARG A C   1 
ATOM   45  O O   . ARG A 1 11 ? -1.695  3.697   1.940   1.00 31.48  ? 11  ARG A O   1 
ATOM   46  C CB  . ARG A 1 11 ? -3.861  5.719   2.091   1.00 40.23  ? 11  ARG A CB  1 
ATOM   47  C CG  . ARG A 1 11 ? -4.946  6.671   1.636   1.00 38.39  ? 11  ARG A CG  1 
ATOM   48  C CD  . ARG A 1 11 ? -4.809  8.030   2.289   1.00 36.24  ? 11  ARG A CD  1 
ATOM   49  N NE  . ARG A 1 11 ? -6.108  8.416   2.759   1.00 42.95  ? 11  ARG A NE  1 
ATOM   50  C CZ  . ARG A 1 11 ? -7.078  8.801   1.976   1.00 44.61  ? 11  ARG A CZ  1 
ATOM   51  N NH1 . ARG A 1 11 ? -6.873  8.897   0.687   1.00 39.03  ? 11  ARG A NH1 1 
ATOM   52  N NH2 . ARG A 1 11 ? -8.248  9.094   2.476   1.00 49.54  ? 11  ARG A NH2 1 
ATOM   53  N N   . VAL A 1 12 ? -2.252  4.029   -0.193  1.00 28.93  ? 12  VAL A N   1 
ATOM   54  C CA  . VAL A 1 12 ? -0.888  3.811   -0.725  1.00 24.52  ? 12  VAL A CA  1 
ATOM   55  C C   . VAL A 1 12 ? 0.011   4.908   -0.171  1.00 26.61  ? 12  VAL A C   1 
ATOM   56  O O   . VAL A 1 12 ? -0.407  6.027   -0.072  1.00 24.57  ? 12  VAL A O   1 
ATOM   57  C CB  . VAL A 1 12 ? -0.913  3.839   -2.259  1.00 30.32  ? 12  VAL A CB  1 
ATOM   58  C CG1 . VAL A 1 12 ? 0.451   3.744   -2.885  1.00 25.14  ? 12  VAL A CG1 1 
ATOM   59  C CG2 . VAL A 1 12 ? -1.819  2.762   -2.775  1.00 26.33  ? 12  VAL A CG2 1 
ATOM   60  N N   . GLU A 1 13 ? 1.234   4.558   0.149   1.00 23.66  ? 13  GLU A N   1 
ATOM   61  C CA  . GLU A 1 13 ? 2.163   5.571   0.671   1.00 28.49  ? 13  GLU A CA  1 
ATOM   62  C C   . GLU A 1 13 ? 3.556   5.314   0.123   1.00 33.23  ? 13  GLU A C   1 
ATOM   63  O O   . GLU A 1 13 ? 3.784   4.262   -0.375  1.00 30.26  ? 13  GLU A O   1 
ATOM   64  C CB  . GLU A 1 13 ? 2.137   5.616   2.187   1.00 30.06  ? 13  GLU A CB  1 
ATOM   65  C CG  . GLU A 1 13 ? 2.691   4.383   2.819   1.00 35.69  ? 13  GLU A CG  1 
ATOM   66  C CD  . GLU A 1 13 ? 2.463   4.290   4.304   1.00 37.00  ? 13  GLU A CD  1 
ATOM   67  O OE1 . GLU A 1 13 ? 1.527   3.666   4.682   1.00 30.29  ? 13  GLU A OE1 1 
ATOM   68  O OE2 . GLU A 1 13 ? 3.237   4.828   5.021   1.00 31.61  ? 13  GLU A OE2 1 
ATOM   69  N N   . GLU A 1 14 ? 4.420   6.298   0.249   1.00 26.85  ? 14  GLU A N   1 
ATOM   70  C CA  . GLU A 1 14 ? 5.805   6.221   -0.233  1.00 30.37  ? 14  GLU A CA  1 
ATOM   71  C C   . GLU A 1 14 ? 6.670   5.470   0.785   1.00 30.94  ? 14  GLU A C   1 
ATOM   72  O O   . GLU A 1 14 ? 6.573   5.746   1.938   1.00 25.26  ? 14  GLU A O   1 
ATOM   73  C CB  . GLU A 1 14 ? 6.329   7.626   -0.468  1.00 33.73  ? 14  GLU A CB  1 
ATOM   74  C CG  . GLU A 1 14 ? 6.501   8.425   0.794   1.00 32.92  ? 14  GLU A CG  1 
ATOM   75  C CD  . GLU A 1 14 ? 5.322   9.272   1.231   1.00 31.23  ? 14  GLU A CD  1 
ATOM   76  O OE1 . GLU A 1 14 ? 4.232   8.884   1.016   1.00 28.23  ? 14  GLU A OE1 1 
ATOM   77  O OE2 . GLU A 1 14 ? 5.551   10.274  1.822   1.00 29.00  ? 14  GLU A OE2 1 
ATOM   78  N N   . ALA A 1 15 ? 7.497   4.542   0.317   1.00 29.88  ? 15  ALA A N   1 
ATOM   79  C CA  . ALA A 1 15 ? 8.378   3.809   1.237   1.00 23.57  ? 15  ALA A CA  1 
ATOM   80  C C   . ALA A 1 15 ? 9.501   4.730   1.690   1.00 26.83  ? 15  ALA A C   1 
ATOM   81  O O   . ALA A 1 15 ? 10.100  5.321   0.867   1.00 25.02  ? 15  ALA A O   1 
ATOM   82  C CB  . ALA A 1 15 ? 8.947   2.579   0.585   1.00 25.55  ? 15  ALA A CB  1 
ATOM   83  N N   . ARG A 1 16 ? 9.772   4.758   2.980   1.00 27.46  ? 16  ARG A N   1 
ATOM   84  C CA  . ARG A 1 16 ? 10.877  5.559   3.549   1.00 32.87  ? 16  ARG A CA  1 
ATOM   85  C C   . ARG A 1 16 ? 11.878  4.636   4.248   1.00 32.30  ? 16  ARG A C   1 
ATOM   86  O O   . ARG A 1 16 ? 11.613  3.498   4.362   1.00 28.04  ? 16  ARG A O   1 
ATOM   87  C CB  . ARG A 1 16 ? 10.351  6.633   4.502   1.00 28.92  ? 16  ARG A CB  1 
ATOM   88  C CG  . ARG A 1 16 ? 9.543   7.714   3.812   1.00 38.31  ? 16  ARG A CG  1 
ATOM   89  C CD  . ARG A 1 16 ? 9.282   8.921   4.673   1.00 32.98  ? 16  ARG A CD  1 
ATOM   90  N NE  . ARG A 1 16 ? 8.784   8.673   6.011   1.00 35.61  ? 16  ARG A NE  1 
ATOM   91  C CZ  . ARG A 1 16 ? 8.328   9.606   6.839   1.00 38.41  ? 16  ARG A CZ  1 
ATOM   92  N NH1 . ARG A 1 16 ? 7.901   9.288   8.037   1.00 37.75  ? 16  ARG A NH1 1 
ATOM   93  N NH2 . ARG A 1 16 ? 8.342   10.864  6.484   1.00 31.88  ? 16  ARG A NH2 1 
ATOM   94  N N   . ALA A 1 17 ? 12.953  5.201   4.776   1.00 31.91  ? 17  ALA A N   1 
ATOM   95  C CA  . ALA A 1 17 ? 14.032  4.435   5.430   1.00 34.61  ? 17  ALA A CA  1 
ATOM   96  C C   . ALA A 1 17 ? 13.511  3.639   6.622   1.00 35.46  ? 17  ALA A C   1 
ATOM   97  O O   . ALA A 1 17 ? 13.885  2.496   6.742   1.00 35.15  ? 17  ALA A O   1 
ATOM   98  C CB  . ALA A 1 17 ? 15.190  5.310   5.801   1.00 40.05  ? 17  ALA A CB  1 
ATOM   99  N N   . GLU A 1 18 ? 12.557  4.182   7.377   1.00 32.27  ? 18  GLU A N   1 
ATOM   100 C CA  . GLU A 1 18 ? 11.958  3.475   8.534   1.00 37.91  ? 18  GLU A CA  1 
ATOM   101 C C   . GLU A 1 18 ? 11.020  2.330   8.116   1.00 37.60  ? 18  GLU A C   1 
ATOM   102 O O   . GLU A 1 18 ? 10.608  1.616   8.981   1.00 33.47  ? 18  GLU A O   1 
ATOM   103 C CB  . GLU A 1 18 ? 11.284  4.457   9.483   1.00 38.02  ? 18  GLU A CB  1 
ATOM   104 C CG  . GLU A 1 18 ? 9.910   4.848   9.043   1.00 32.49  ? 18  GLU A CG  1 
ATOM   105 C CD  . GLU A 1 18 ? 9.864   6.067   8.151   1.00 43.69  ? 18  GLU A CD  1 
ATOM   106 O OE1 . GLU A 1 18 ? 8.761   6.449   7.797   1.00 45.03  ? 18  GLU A OE1 1 
ATOM   107 O OE2 . GLU A 1 18 ? 10.931  6.618   7.831   1.00 40.79  ? 18  GLU A OE2 1 
ATOM   108 N N   . ASP A 1 19 ? 10.679  2.202   6.843   1.00 31.78  ? 19  ASP A N   1 
ATOM   109 C CA  . ASP A 1 19 ? 9.793   1.128   6.351   1.00 29.29  ? 19  ASP A CA  1 
ATOM   110 C C   . ASP A 1 19 ? 10.615  -0.102  5.974   1.00 29.80  ? 19  ASP A C   1 
ATOM   111 O O   . ASP A 1 19 ? 10.034  -1.100  5.754   1.00 25.69  ? 19  ASP A O   1 
ATOM   112 C CB  . ASP A 1 19 ? 8.928   1.633   5.203   1.00 31.54  ? 19  ASP A CB  1 
ATOM   113 C CG  . ASP A 1 19 ? 8.048   2.793   5.638   1.00 28.34  ? 19  ASP A CG  1 
ATOM   114 O OD1 . ASP A 1 19 ? 7.571   2.746   6.728   1.00 29.89  ? 19  ASP A OD1 1 
ATOM   115 O OD2 . ASP A 1 19 ? 7.883   3.711   4.875   1.00 29.52  ? 19  ASP A OD2 1 
ATOM   116 N N   . VAL A 1 20 ? 11.916  0.040   5.839   1.00 29.86  ? 20  VAL A N   1 
ATOM   117 C CA  . VAL A 1 20 ? 12.782  -1.122  5.521   1.00 27.57  ? 20  VAL A CA  1 
ATOM   118 C C   . VAL A 1 20 ? 12.590  -2.172  6.614   1.00 33.30  ? 20  VAL A C   1 
ATOM   119 O O   . VAL A 1 20 ? 12.756  -1.844  7.757   1.00 32.28  ? 20  VAL A O   1 
ATOM   120 C CB  . VAL A 1 20 ? 14.246  -0.682  5.408   1.00 30.08  ? 20  VAL A CB  1 
ATOM   121 C CG1 . VAL A 1 20 ? 15.166  -1.876  5.288   1.00 34.20  ? 20  VAL A CG1 1 
ATOM   122 C CG2 . VAL A 1 20 ? 14.441  0.260   4.246   1.00 26.73  ? 20  VAL A CG2 1 
ATOM   123 N N   . GLY A 1 21 ? 12.282  -3.404  6.239   1.00 33.15  ? 21  GLY A N   1 
ATOM   124 C CA  . GLY A 1 21 ? 12.029  -4.490  7.202   1.00 34.51  ? 21  GLY A CA  1 
ATOM   125 C C   . GLY A 1 21 ? 10.549  -4.788  7.370   1.00 34.46  ? 21  GLY A C   1 
ATOM   126 O O   . GLY A 1 21 ? 10.222  -5.821  7.861   1.00 33.89  ? 21  GLY A O   1 
ATOM   127 N N   . LYS A 1 22 ? 9.673   -3.888  6.944   1.00 29.30  ? 22  LYS A N   1 
ATOM   128 C CA  . LYS A 1 22 ? 8.217   -4.104  7.065   1.00 25.78  ? 22  LYS A CA  1 
ATOM   129 C C   . LYS A 1 22 ? 7.709   -4.967  5.920   1.00 27.71  ? 22  LYS A C   1 
ATOM   130 O O   . LYS A 1 22 ? 8.412   -5.156  5.003   1.00 25.44  ? 22  LYS A O   1 
ATOM   131 C CB  . LYS A 1 22 ? 7.475   -2.773  7.019   1.00 24.07  ? 22  LYS A CB  1 
ATOM   132 C CG  . LYS A 1 22 ? 7.847   -1.799  8.115   1.00 26.90  ? 22  LYS A CG  1 
ATOM   133 C CD  . LYS A 1 22 ? 6.972   -0.588  8.216   1.00 29.54  ? 22  LYS A CD  1 
ATOM   134 C CE  . LYS A 1 22 ? 7.298   0.230   9.437   1.00 29.60  ? 22  LYS A CE  1 
ATOM   135 N NZ  . LYS A 1 22 ? 6.786   1.602   9.346   1.00 32.71  ? 22  LYS A NZ  1 
ATOM   136 N N   . ARG A 1 23 ? 6.507   -5.474  6.060   1.00 24.21  ? 23  ARG A N   1 
ATOM   137 C CA  . ARG A 1 23 ? 5.860   -6.277  5.018   1.00 26.42  ? 23  ARG A CA  1 
ATOM   138 C C   . ARG A 1 23 ? 5.108   -5.295  4.130   1.00 27.34  ? 23  ARG A C   1 
ATOM   139 O O   . ARG A 1 23 ? 4.512   -4.397  4.650   1.00 27.46  ? 23  ARG A O   1 
ATOM   140 C CB  . ARG A 1 23 ? 4.892   -7.264  5.647   1.00 29.23  ? 23  ARG A CB  1 
ATOM   141 C CG  . ARG A 1 23 ? 5.473   -8.002  6.841   1.00 30.68  ? 23  ARG A CG  1 
ATOM   142 C CD  . ARG A 1 23 ? 4.446   -8.921  7.455   1.00 32.04  ? 23  ARG A CD  1 
ATOM   143 N NE  . ARG A 1 23 ? 4.938   -9.586  8.638   1.00 28.29  ? 23  ARG A NE  1 
ATOM   144 C CZ  . ARG A 1 23 ? 4.224   -10.327 9.442   1.00 31.46  ? 23  ARG A CZ  1 
ATOM   145 N NH1 . ARG A 1 23 ? 2.962   -10.543 9.206   1.00 26.85  ? 23  ARG A NH1 1 
ATOM   146 N NH2 . ARG A 1 23 ? 4.787   -10.862 10.487  1.00 29.93  ? 23  ARG A NH2 1 
ATOM   147 N N   . VAL A 1 24 ? 5.235   -5.437  2.829   1.00 25.71  ? 24  VAL A N   1 
ATOM   148 C CA  . VAL A 1 24 ? 4.579   -4.462  1.934   1.00 22.49  ? 24  VAL A CA  1 
ATOM   149 C C   . VAL A 1 24 ? 4.088   -5.153  0.682   1.00 27.66  ? 24  VAL A C   1 
ATOM   150 O O   . VAL A 1 24 ? 4.525   -6.247  0.398   1.00 29.62  ? 24  VAL A O   1 
ATOM   151 C CB  . VAL A 1 24 ? 5.613   -3.422  1.474   1.00 25.65  ? 24  VAL A CB  1 
ATOM   152 C CG1 . VAL A 1 24 ? 6.146   -2.518  2.559   1.00 26.63  ? 24  VAL A CG1 1 
ATOM   153 C CG2 . VAL A 1 24 ? 6.739   -4.079  0.701   1.00 26.64  ? 24  VAL A CG2 1 
ATOM   154 N N   . VAL A 1 25 ? 3.166   -4.513  0.011   1.00 26.05  ? 25  VAL A N   1 
ATOM   155 C CA  . VAL A 1 25 ? 2.874   -4.902  -1.388  1.00 28.22  ? 25  VAL A CA  1 
ATOM   156 C C   . VAL A 1 25 ? 3.390   -3.710  -2.199  1.00 26.27  ? 25  VAL A C   1 
ATOM   157 O O   . VAL A 1 25 ? 3.037   -2.606  -1.881  1.00 27.06  ? 25  VAL A O   1 
ATOM   158 C CB  . VAL A 1 25 ? 1.390   -5.118  -1.705  1.00 29.52  ? 25  VAL A CB  1 
ATOM   159 C CG1 . VAL A 1 25 ? 1.181   -5.170  -3.191  1.00 37.78  ? 25  VAL A CG1 1 
ATOM   160 C CG2 . VAL A 1 25 ? 0.863   -6.388  -1.106  1.00 39.34  ? 25  VAL A CG2 1 
ATOM   161 N N   . ILE A 1 26 ? 4.270   -3.953  -3.144  1.00 26.35  ? 26  ILE A N   1 
ATOM   162 C CA  . ILE A 1 26 ? 4.766   -2.860  -4.007  1.00 28.13  ? 26  ILE A CA  1 
ATOM   163 C C   . ILE A 1 26 ? 3.664   -2.503  -4.995  1.00 36.19  ? 26  ILE A C   1 
ATOM   164 O O   . ILE A 1 26 ? 3.136   -3.376  -5.627  1.00 32.13  ? 26  ILE A O   1 
ATOM   165 C CB  . ILE A 1 26 ? 6.091   -3.247  -4.644  1.00 32.91  ? 26  ILE A CB  1 
ATOM   166 C CG1 . ILE A 1 26 ? 7.094   -3.511  -3.526  1.00 32.79  ? 26  ILE A CG1 1 
ATOM   167 C CG2 . ILE A 1 26 ? 6.559   -2.162  -5.579  1.00 31.21  ? 26  ILE A CG2 1 
ATOM   168 C CD1 . ILE A 1 26 ? 8.469   -3.711  -3.995  1.00 35.73  ? 26  ILE A CD1 1 
ATOM   169 N N   . ILE A 1 27 ? 3.347   -1.222  -5.075  1.00 26.49  ? 27  ILE A N   1 
ATOM   170 C CA  . ILE A 1 27 ? 2.211   -0.776  -5.917  1.00 25.61  ? 27  ILE A CA  1 
ATOM   171 C C   . ILE A 1 27 ? 2.711   -0.317  -7.280  1.00 31.04  ? 27  ILE A C   1 
ATOM   172 O O   . ILE A 1 27 ? 3.659   0.396   -7.350  1.00 31.47  ? 27  ILE A O   1 
ATOM   173 C CB  . ILE A 1 27 ? 1.416   0.313   -5.187  1.00 25.11  ? 27  ILE A CB  1 
ATOM   174 C CG1 . ILE A 1 27 ? 0.799   -0.231  -3.899  1.00 25.17  ? 27  ILE A CG1 1 
ATOM   175 C CG2 . ILE A 1 27 ? 0.397   0.961   -6.095  1.00 26.81  ? 27  ILE A CG2 1 
ATOM   176 C CD1 . ILE A 1 27 ? -0.328  -1.154  -4.091  1.00 27.16  ? 27  ILE A CD1 1 
ATOM   177 N N   . PRO A 1 28 ? 2.070   -0.728  -8.366  1.00 33.04  ? 28  PRO A N   1 
ATOM   178 C CA  . PRO A 1 28 ? 2.533   -0.333  -9.670  1.00 34.06  ? 28  PRO A CA  1 
ATOM   179 C C   . PRO A 1 28 ? 1.955   0.995   -10.165 1.00 32.36  ? 28  PRO A C   1 
ATOM   180 O O   . PRO A 1 28 ? 1.019   1.481   -9.649  1.00 29.52  ? 28  PRO A O   1 
ATOM   181 C CB  . PRO A 1 28 ? 1.896   -1.410  -10.539 1.00 33.71  ? 28  PRO A CB  1 
ATOM   182 C CG  . PRO A 1 28 ? 0.608   -1.714  -9.870  1.00 32.18  ? 28  PRO A CG  1 
ATOM   183 C CD  . PRO A 1 28 ? 0.904   -1.577  -8.398  1.00 28.51  ? 28  PRO A CD  1 
ATOM   184 N N   . LYS A 1 29 ? 2.486   1.456   -11.289 1.00 33.47  ? 29  LYS A N   1 
ATOM   185 C CA  . LYS A 1 29 ? 1.999   2.660   -12.001 1.00 31.15  ? 29  LYS A CA  1 
ATOM   186 C C   . LYS A 1 29 ? 0.506   2.503   -12.249 1.00 33.04  ? 29  LYS A C   1 
ATOM   187 O O   . LYS A 1 29 ? 0.113   1.414   -12.533 1.00 32.84  ? 29  LYS A O   1 
ATOM   188 C CB  . LYS A 1 29 ? 2.712   2.769   -13.341 1.00 37.81  ? 29  LYS A CB  1 
ATOM   189 C CG  . LYS A 1 29 ? 4.150   3.208   -13.272 1.00 47.98  ? 29  LYS A CG  1 
ATOM   190 C CD  . LYS A 1 29 ? 4.866   2.997   -14.589 1.00 59.26  ? 29  LYS A CD  1 
ATOM   191 C CE  . LYS A 1 29 ? 6.361   3.061   -14.430 1.00 68.97  ? 29  LYS A CE  1 
ATOM   192 N NZ  . LYS A 1 29 ? 6.962   1.757   -14.087 1.00 73.54  ? 29  LYS A NZ  1 
ATOM   193 N N   . GLY A 1 30 ? -0.253  3.578   -12.098 1.00 27.19  ? 30  GLY A N   1 
ATOM   194 C CA  . GLY A 1 30 ? -1.708  3.526   -12.261 1.00 31.91  ? 30  GLY A CA  1 
ATOM   195 C C   . GLY A 1 30 ? -2.390  3.770   -10.934 1.00 36.87  ? 30  GLY A C   1 
ATOM   196 O O   . GLY A 1 30 ? -3.469  4.242   -10.922 1.00 35.78  ? 30  GLY A O   1 
ATOM   197 N N   . ILE A 1 31 ? -1.713  3.402   -9.859  1.00 33.48  ? 31  ILE A N   1 
ATOM   198 C CA  . ILE A 1 31 ? -2.165  3.586   -8.457  1.00 28.26  ? 31  ILE A CA  1 
ATOM   199 C C   . ILE A 1 31 ? -1.120  4.448   -7.756  1.00 27.80  ? 31  ILE A C   1 
ATOM   200 O O   . ILE A 1 31 ? 0.014   4.087   -7.740  1.00 28.33  ? 31  ILE A O   1 
ATOM   201 C CB  . ILE A 1 31 ? -2.376  2.235   -7.768  1.00 24.51  ? 31  ILE A CB  1 
ATOM   202 C CG1 . ILE A 1 31 ? -3.359  1.385   -8.564  1.00 31.27  ? 31  ILE A CG1 1 
ATOM   203 C CG2 . ILE A 1 31 ? -2.861  2.449   -6.362  1.00 31.41  ? 31  ILE A CG2 1 
ATOM   204 C CD1 . ILE A 1 31 ? -3.603  0.027   -8.008  1.00 30.37  ? 31  ILE A CD1 1 
ATOM   205 N N   . LYS A 1 32 ? -1.560  5.572   -7.221  1.00 27.04  ? 32  LYS A N   1 
ATOM   206 C CA  . LYS A 1 32 ? -0.605  6.542   -6.673  1.00 27.26  ? 32  LYS A CA  1 
ATOM   207 C C   . LYS A 1 32 ? -0.680  6.616   -5.160  1.00 25.14  ? 32  LYS A C   1 
ATOM   208 O O   . LYS A 1 32 ? -1.614  6.187   -4.587  1.00 26.57  ? 32  LYS A O   1 
ATOM   209 C CB  . LYS A 1 32 ? -0.917  7.940   -7.205  1.00 28.96  ? 32  LYS A CB  1 
ATOM   210 C CG  . LYS A 1 32 ? -0.785  8.150   -8.701  1.00 26.40  ? 32  LYS A CG  1 
ATOM   211 C CD  . LYS A 1 32 ? -1.089  9.559   -9.126  1.00 33.93  ? 32  LYS A CD  1 
ATOM   212 C CE  . LYS A 1 32 ? -0.731  9.868   -10.554 1.00 34.76  ? 32  LYS A CE  1 
ATOM   213 N NZ  . LYS A 1 32 ? -0.712  11.312  -10.815 1.00 28.76  ? 32  LYS A NZ  1 
ATOM   214 N N   . VAL A 1 33 ? 0.339   7.238   -4.604  1.00 24.75  ? 33  VAL A N   1 
ATOM   215 C CA  . VAL A 1 33 ? 0.381   7.550   -3.165  1.00 27.83  ? 33  VAL A CA  1 
ATOM   216 C C   . VAL A 1 33 ? -0.846  8.422   -2.887  1.00 31.13  ? 33  VAL A C   1 
ATOM   217 O O   . VAL A 1 33 ? -1.051  9.369   -3.597  1.00 28.93  ? 33  VAL A O   1 
ATOM   218 C CB  . VAL A 1 33 ? 1.688   8.289   -2.872  1.00 29.17  ? 33  VAL A CB  1 
ATOM   219 C CG1 . VAL A 1 33 ? 1.685   8.958   -1.525  1.00 32.75  ? 33  VAL A CG1 1 
ATOM   220 C CG2 . VAL A 1 33 ? 2.865   7.361   -3.018  1.00 27.68  ? 33  VAL A CG2 1 
ATOM   221 N N   . GLY A 1 34 ? -1.603  8.092   -1.859  1.00 26.63  ? 34  GLY A N   1 
ATOM   222 C CA  . GLY A 1 34 ? -2.829  8.821   -1.525  1.00 33.51  ? 34  GLY A CA  1 
ATOM   223 C C   . GLY A 1 34 ? -4.059  8.045   -1.934  1.00 30.73  ? 34  GLY A C   1 
ATOM   224 O O   . GLY A 1 34 ? -5.061  8.225   -1.351  1.00 29.04  ? 34  GLY A O   1 
ATOM   225 N N   . ASP A 1 35 ? -3.934  7.167   -2.908  1.00 27.62  ? 35  ASP A N   1 
ATOM   226 C CA  . ASP A 1 35 ? -5.088  6.360   -3.350  1.00 26.98  ? 35  ASP A CA  1 
ATOM   227 C C   . ASP A 1 35 ? -5.497  5.384   -2.243  1.00 37.20  ? 35  ASP A C   1 
ATOM   228 O O   . ASP A 1 35 ? -4.652  4.903   -1.546  1.00 31.27  ? 35  ASP A O   1 
ATOM   229 C CB  . ASP A 1 35 ? -4.777  5.598   -4.634  1.00 28.39  ? 35  ASP A CB  1 
ATOM   230 C CG  . ASP A 1 35 ? -4.791  6.414   -5.919  1.00 30.38  ? 35  ASP A CG  1 
ATOM   231 O OD1 . ASP A 1 35 ? -5.194  7.525   -5.874  1.00 30.40  ? 35  ASP A OD1 1 
ATOM   232 O OD2 . ASP A 1 35 ? -4.384  5.906   -6.911  1.00 29.85  ? 35  ASP A OD2 1 
ATOM   233 N N   . VAL A 1 36 ? -6.782  5.115   -2.133  1.00 32.14  ? 36  VAL A N   1 
ATOM   234 C CA  . VAL A 1 36 ? -7.274  4.116   -1.160  1.00 32.93  ? 36  VAL A CA  1 
ATOM   235 C C   . VAL A 1 36 ? -7.404  2.776   -1.886  1.00 33.71  ? 36  VAL A C   1 
ATOM   236 O O   . VAL A 1 36 ? -7.939  2.728   -2.944  1.00 32.27  ? 36  VAL A O   1 
ATOM   237 C CB  . VAL A 1 36 ? -8.601  4.543   -0.510  1.00 36.61  ? 36  VAL A CB  1 
ATOM   238 C CG1 . VAL A 1 36 ? -9.108  3.480   0.430   1.00 34.34  ? 36  VAL A CG1 1 
ATOM   239 C CG2 . VAL A 1 36 ? -8.463  5.859   0.228   1.00 39.70  ? 36  VAL A CG2 1 
ATOM   240 N N   . VAL A 1 37 ? -6.878  1.727   -1.298  1.00 28.98  ? 37  VAL A N   1 
ATOM   241 C CA  . VAL A 1 37 ? -7.010  0.394   -1.922  1.00 32.45  ? 37  VAL A CA  1 
ATOM   242 C C   . VAL A 1 37 ? -7.591  -0.586  -0.905  1.00 32.25  ? 37  VAL A C   1 
ATOM   243 O O   . VAL A 1 37 ? -7.455  -0.382  0.258   1.00 30.91  ? 37  VAL A O   1 
ATOM   244 C CB  . VAL A 1 37 ? -5.655  -0.115  -2.414  1.00 36.99  ? 37  VAL A CB  1 
ATOM   245 C CG1 . VAL A 1 37 ? -5.167  0.611   -3.636  1.00 30.92  ? 37  VAL A CG1 1 
ATOM   246 C CG2 . VAL A 1 37 ? -4.639  -0.074  -1.303  1.00 29.75  ? 37  VAL A CG2 1 
ATOM   247 N N   . GLU A 1 38 ? -8.208  -1.624  -1.416  1.00 33.12  ? 38  GLU A N   1 
ATOM   248 C CA  . GLU A 1 38 ? -8.715  -2.724  -0.589  1.00 44.55  ? 38  GLU A CA  1 
ATOM   249 C C   . GLU A 1 38 ? -7.768  -3.897  -0.805  1.00 38.57  ? 38  GLU A C   1 
ATOM   250 O O   . GLU A 1 38 ? -7.538  -4.231  -1.936  1.00 35.86  ? 38  GLU A O   1 
ATOM   251 C CB  . GLU A 1 38 ? -10.107 -3.104  -1.072  1.00 48.23  ? 38  GLU A CB  1 
ATOM   252 C CG  . GLU A 1 38 ? -10.665 -4.287  -0.341  1.00 53.21  ? 38  GLU A CG  1 
ATOM   253 C CD  . GLU A 1 38 ? -11.984 -4.803  -0.873  1.00 68.04  ? 38  GLU A CD  1 
ATOM   254 O OE1 . GLU A 1 38 ? -12.509 -4.220  -1.844  1.00 71.87  ? 38  GLU A OE1 1 
ATOM   255 O OE2 . GLU A 1 38 ? -12.473 -5.769  -0.308  1.00 69.44  ? 38  GLU A OE2 1 
ATOM   256 N N   . VAL A 1 39 ? -7.219  -4.438  0.274   1.00 38.42  ? 39  VAL A N   1 
ATOM   257 C CA  . VAL A 1 39 ? -6.293  -5.595  0.205   1.00 37.21  ? 39  VAL A CA  1 
ATOM   258 C C   . VAL A 1 39 ? -6.979  -6.803  0.822   1.00 36.83  ? 39  VAL A C   1 
ATOM   259 O O   . VAL A 1 39 ? -7.471  -6.690  1.892   1.00 36.51  ? 39  VAL A O   1 
ATOM   260 C CB  . VAL A 1 39 ? -4.976  -5.301  0.918   1.00 35.63  ? 39  VAL A CB  1 
ATOM   261 C CG1 . VAL A 1 39 ? -3.988  -6.400  0.665   1.00 37.75  ? 39  VAL A CG1 1 
ATOM   262 C CG2 . VAL A 1 39 ? -4.421  -3.967  0.480   1.00 35.84  ? 39  VAL A CG2 1 
ATOM   263 N N   . LYS A 1 40 ? -7.012  -7.924  0.095   1.00 35.15  ? 40  LYS A N   1 
ATOM   264 C CA  . LYS A 1 40 ? -7.668  -9.159  0.598   1.00 42.56  ? 40  LYS A CA  1 
ATOM   265 C C   . LYS A 1 40 ? -6.746  -10.357 0.353   1.00 39.92  ? 40  LYS A C   1 
ATOM   266 O O   . LYS A 1 40 ? -6.317  -10.545 -0.802  1.00 37.99  ? 40  LYS A O   1 
ATOM   267 C CB  . LYS A 1 40 ? -9.025  -9.360  -0.084  1.00 47.60  ? 40  LYS A CB  1 
ATOM   268 C CG  . LYS A 1 40 ? -9.057  -10.433 -1.164  1.00 49.82  ? 40  LYS A CG  1 
ATOM   269 C CD  . LYS A 1 40 ? -10.352 -10.454 -1.950  1.00 61.32  ? 40  LYS A CD  1 
ATOM   270 C CE  . LYS A 1 40 ? -10.472 -11.656 -2.862  1.00 72.95  ? 40  LYS A CE  1 
ATOM   271 N NZ  . LYS A 1 40 ? -11.724 -11.619 -3.654  1.00 79.98  ? 40  LYS A NZ  1 
ATOM   272 N N   . LYS A 1 41 ? -6.460  -11.131 1.404   1.00 39.28  ? 41  LYS A N   1 
ATOM   273 C CA  . LYS A 1 41 ? -5.583  -12.309 1.276   1.00 39.28  ? 41  LYS A CA  1 
ATOM   274 C C   . LYS A 1 41 ? -6.375  -13.335 0.491   1.00 45.06  ? 41  LYS A C   1 
ATOM   275 O O   . LYS A 1 41 ? -7.511  -13.468 0.778   1.00 44.53  ? 41  LYS A O   1 
ATOM   276 C CB  . LYS A 1 41 ? -5.218  -12.846 2.654   1.00 43.15  ? 41  LYS A CB  1 
ATOM   277 C CG  . LYS A 1 41 ? -4.159  -13.931 2.686   1.00 42.11  ? 41  LYS A CG  1 
ATOM   278 C CD  . LYS A 1 41 ? -4.108  -14.591 4.009   1.00 40.98  ? 41  LYS A CD  1 
ATOM   279 C CE  . LYS A 1 41 ? -3.256  -15.825 3.987   1.00 42.79  ? 41  LYS A CE  1 
ATOM   280 N NZ  . LYS A 1 41 ? -3.961  -16.916 3.301   1.00 45.00  ? 41  LYS A NZ  1 
ATOM   281 N N   . VAL A 1 42 ? -5.766  -13.963 -0.499  1.00 44.73  ? 42  VAL A N   1 
ATOM   282 C CA  . VAL A 1 42 ? -6.475  -14.992 -1.302  1.00 48.85  ? 42  VAL A CA  1 
ATOM   283 C C   . VAL A 1 42 ? -6.053  -16.370 -0.811  1.00 47.97  ? 42  VAL A C   1 
ATOM   284 O O   . VAL A 1 42 ? -5.684  -16.561 0.312   1.00 51.36  ? 42  VAL A O   1 
ATOM   285 C CB  . VAL A 1 42 ? -6.073  -14.949 -2.774  1.00 50.57  ? 42  VAL A CB  1 
ATOM   286 C CG1 . VAL A 1 42 ? -6.136  -13.592 -3.400  1.00 45.77  ? 42  VAL A CG1 1 
ATOM   287 C CG2 . VAL A 1 42 ? -4.697  -15.545 -2.921  1.00 56.98  ? 42  VAL A CG2 1 
ATOM   288 O OXT . VAL A 1 42 ? -6.095  -17.250 -1.656  1.00 57.27  ? 42  VAL A OXT 1 
HETATM 289 N N   . GLY B 2 .  ? 8.169   0.790   -9.420  1.00 60.01  ? 101 GLY A N   1 
HETATM 290 C CA  . GLY B 2 .  ? 7.229   0.370   -8.367  1.00 76.73  ? 101 GLY A CA  1 
HETATM 291 C C   . GLY B 2 .  ? 6.396   1.544   -7.906  1.00 84.18  ? 101 GLY A C   1 
HETATM 292 O O   . GLY B 2 .  ? 6.067   1.590   -6.732  1.00 83.19  ? 101 GLY A O   1 
HETATM 293 O OXT . GLY B 2 .  ? 6.096   2.366   -8.730  1.00 106.72 ? 101 GLY A OXT 1 
HETATM 294 N N   . GLY C 2 .  ? -11.453 10.468  -1.986  1.00 88.77  ? 102 GLY A N   1 
HETATM 295 C CA  . GLY C 2 .  ? -11.638 9.586   -0.822  1.00 102.30 ? 102 GLY A CA  1 
HETATM 296 C C   . GLY C 2 .  ? -10.429 9.606   0.083   1.00 124.04 ? 102 GLY A C   1 
HETATM 297 O O   . GLY C 2 .  ? -9.336  9.481   -0.452  1.00 158.08 ? 102 GLY A O   1 
HETATM 298 O OXT . GLY C 2 .  ? -10.587 9.742   1.268   1.00 120.55 ? 102 GLY A OXT 1 
HETATM 299 N N   . GLY D 2 .  ? -10.453 6.695   4.933   1.00 72.72  ? 103 GLY A N   1 
HETATM 300 C CA  . GLY D 2 .  ? -9.923  5.473   5.556   1.00 86.78  ? 103 GLY A CA  1 
HETATM 301 C C   . GLY D 2 .  ? -8.532  5.154   5.064   1.00 91.75  ? 103 GLY A C   1 
HETATM 302 O O   . GLY D 2 .  ? -7.598  5.641   5.628   1.00 92.65  ? 103 GLY A O   1 
HETATM 303 O OXT . GLY D 2 .  ? -8.424  4.410   4.105   1.00 97.44  ? 103 GLY A OXT 1 
HETATM 304 O O   . HOH E 3 .  ? 6.838   5.344   7.258   1.00 36.32  ? 201 HOH A O   1 
HETATM 305 O O   . HOH E 3 .  ? 8.973   3.317   -13.802 1.00 40.89  ? 202 HOH A O   1 
HETATM 306 O O   . HOH E 3 .  ? 0.053   1.789   3.370   1.00 27.86  ? 203 HOH A O   1 
HETATM 307 O O   . HOH E 3 .  ? 7.474   -0.663  -15.280 1.00 42.98  ? 204 HOH A O   1 
HETATM 308 O O   . HOH E 3 .  ? 4.104   1.168   9.784   1.00 45.61  ? 205 HOH A O   1 
HETATM 309 O O   . HOH E 3 .  ? 7.753   3.030   11.506  1.00 46.27  ? 206 HOH A O   1 
HETATM 310 O O   . HOH E 3 .  ? -0.467  8.093   1.768   1.00 33.24  ? 207 HOH A O   1 
HETATM 311 O O   . HOH E 3 .  ? 2.158   8.366   -6.409  1.00 29.25  ? 208 HOH A O   1 
HETATM 312 O O   . HOH E 3 .  ? 4.597   -0.128  -12.294 1.00 44.43  ? 209 HOH A O   1 
HETATM 313 O O   . HOH E 3 .  ? 10.787  7.993   0.189   1.00 38.79  ? 210 HOH A O   1 
HETATM 314 O O   . HOH E 3 .  ? 8.629   -6.463  10.127  1.00 37.16  ? 211 HOH A O   1 
HETATM 315 O O   . HOH E 3 .  ? -8.757  6.546   -3.596  1.00 52.11  ? 212 HOH A O   1 
HETATM 316 O O   . HOH E 3 .  ? 3.690   -6.165  -5.928  1.00 33.44  ? 213 HOH A O   1 
HETATM 317 O O   . HOH E 3 .  ? -1.548  4.532   4.683   1.00 40.03  ? 214 HOH A O   1 
HETATM 318 O O   . HOH E 3 .  ? 7.493   -8.770  9.745   1.00 43.64  ? 215 HOH A O   1 
HETATM 319 O O   . HOH E 3 .  ? 1.263   -0.592  -14.295 1.00 39.14  ? 216 HOH A O   1 
HETATM 320 O O   . HOH E 3 .  ? -5.912  8.430   5.702   1.00 55.40  ? 217 HOH A O   1 
HETATM 321 O O   . HOH E 3 .  ? -9.910  -1.871  7.006   1.00 45.25  ? 218 HOH A O   1 
HETATM 322 O O   . HOH E 3 .  ? 9.561   -8.540  6.821   1.00 42.26  ? 219 HOH A O   1 
HETATM 323 O O   . HOH E 3 .  ? 13.834  8.004   3.858   1.00 37.70  ? 220 HOH A O   1 
HETATM 324 O O   . HOH E 3 .  ? -9.264  -6.606  -2.912  0.50 42.96  ? 221 HOH A O   1 
HETATM 325 O O   . HOH E 3 .  ? -7.936  9.681   5.873   1.00 61.12  ? 222 HOH A O   1 
HETATM 326 O O   . HOH E 3 .  ? 8.528   -10.558 7.950   1.00 43.45  ? 223 HOH A O   1 
HETATM 327 O O   . HOH E 3 .  ? 4.986   -3.975  -8.960  1.00 49.52  ? 224 HOH A O   1 
HETATM 328 O O   . HOH E 3 .  ? -1.044  7.028   4.319   1.00 51.12  ? 225 HOH A O   1 
# 
